data_4MCA
#
_entry.id   4MCA
#
_cell.length_a   117.507
_cell.length_b   117.507
_cell.length_c   259.863
_cell.angle_alpha   90.000
_cell.angle_beta   90.000
_cell.angle_gamma   90.000
#
_symmetry.space_group_name_H-M   'I 4 2 2'
#
loop_
_entity.id
_entity.type
_entity.pdbx_description
1 polymer 'Glycerol dehydrogenase'
2 non-polymer 'ZINC ION'
3 non-polymer GLYCEROL
4 non-polymer 'SODIUM ION'
5 water water
#
_entity_poly.entity_id   1
_entity_poly.type   'polypeptide(L)'
_entity_poly.pdbx_seq_one_letter_code
;MLRIIQSPGKYIQGANALAAVGQYAKSLADHYLVIADDFVMKLAGDTLMGSLQQHGVKHHAALFNGECCHKEIDRLGREL
KAHGCRGVIGVGGGKTLDTAKAIAHYQQLPVVLIPTIASTDAPTSALSVIYTEQGEFAEYLIYPRNPDMVVMDVAIIAKA
PVRLLVAGMGDALSTYFEAQACFDAQATSMAGGKSTLAALSLARLCYDTLLAEGVKAKLAVEAGVVTEAVERIIEANTYL
SGIGFESSGLAAAHAIHNGFTVLEECHHLYHGEKVAFGTLAQLVLQNSPMAQIETVLAFCHRIGLPITLAEMGVSGDAVE
KIMAVAQASCAAGETIHNMPFKVTPAGVQAAILTADRLGSAWLQQHQ
;
_entity_poly.pdbx_strand_id   A,B
#
loop_
_chem_comp.id
_chem_comp.type
_chem_comp.name
_chem_comp.formula
GOL non-polymer GLYCEROL 'C3 H8 O3'
NA non-polymer 'SODIUM ION' 'Na 1'
ZN non-polymer 'ZINC ION' 'Zn 2'
#
# COMPACT_ATOMS: atom_id res chain seq x y z
N MET A 1 0.12 15.22 -1.04
CA MET A 1 0.53 15.99 -2.27
C MET A 1 1.79 16.87 -2.16
N LEU A 2 1.97 17.73 -1.17
CA LEU A 2 3.29 18.21 -0.90
C LEU A 2 4.08 17.16 -0.05
N ARG A 3 5.36 17.05 -0.31
CA ARG A 3 6.33 16.23 0.46
C ARG A 3 7.04 17.22 1.26
N ILE A 4 7.21 16.99 2.57
CA ILE A 4 7.86 17.95 3.40
C ILE A 4 8.76 17.20 4.37
N ILE A 5 9.92 17.73 4.58
CA ILE A 5 10.88 17.23 5.58
C ILE A 5 11.31 18.44 6.42
N GLN A 6 11.32 18.28 7.74
CA GLN A 6 11.87 19.30 8.60
C GLN A 6 12.90 18.76 9.55
N SER A 7 13.68 19.66 10.08
CA SER A 7 14.84 19.19 10.78
C SER A 7 15.33 20.26 11.72
N PRO A 8 16.00 19.84 12.82
CA PRO A 8 16.76 20.80 13.61
C PRO A 8 17.82 21.39 12.74
N GLY A 9 18.21 22.62 13.01
CA GLY A 9 19.24 23.25 12.21
C GLY A 9 20.55 22.53 12.17
N LYS A 10 20.98 22.05 13.35
CA LYS A 10 22.25 21.37 13.46
C LYS A 10 22.18 20.29 14.57
N TYR A 11 22.74 19.14 14.26
CA TYR A 11 22.81 18.02 15.19
C TYR A 11 24.26 17.69 15.29
N ILE A 12 24.72 17.67 16.51
CA ILE A 12 26.07 17.51 16.80
C ILE A 12 26.24 16.32 17.78
N GLN A 13 27.19 15.45 17.51
CA GLN A 13 27.38 14.27 18.39
C GLN A 13 28.80 13.90 18.55
N GLY A 14 29.23 13.59 19.76
CA GLY A 14 30.47 12.89 19.93
C GLY A 14 30.96 12.96 21.40
N ALA A 15 32.06 12.29 21.66
CA ALA A 15 32.51 12.07 23.02
C ALA A 15 32.98 13.39 23.51
N ASN A 16 32.48 13.78 24.68
CA ASN A 16 32.89 15.03 25.27
C ASN A 16 32.43 16.26 24.44
N ALA A 17 31.37 16.11 23.65
CA ALA A 17 30.75 17.28 22.98
C ALA A 17 30.33 18.40 23.93
N LEU A 18 30.06 18.08 25.21
CA LEU A 18 29.57 19.09 26.13
C LEU A 18 30.62 20.17 26.30
N ALA A 19 31.88 19.75 26.28
CA ALA A 19 32.99 20.68 26.43
C ALA A 19 33.15 21.56 25.20
N ALA A 20 32.42 21.32 24.11
CA ALA A 20 32.58 22.16 22.90
C ALA A 20 31.31 22.89 22.61
N VAL A 21 30.33 22.82 23.51
CA VAL A 21 29.05 23.43 23.24
C VAL A 21 29.18 24.96 22.98
N GLY A 22 30.07 25.66 23.68
CA GLY A 22 30.20 27.11 23.49
C GLY A 22 30.44 27.59 22.06
N GLN A 23 31.30 26.93 21.28
CA GLN A 23 31.45 27.40 19.87
C GLN A 23 30.12 27.38 19.14
N TYR A 24 29.38 26.27 19.25
CA TYR A 24 28.16 26.14 18.50
C TYR A 24 27.09 27.03 19.08
N ALA A 25 26.93 27.13 20.40
CA ALA A 25 25.86 27.98 20.96
C ALA A 25 26.04 29.50 20.66
N LYS A 26 27.31 29.91 20.66
CA LYS A 26 27.71 31.30 20.37
C LYS A 26 27.14 31.75 19.04
N SER A 27 27.03 30.84 18.07
CA SER A 27 26.59 31.20 16.71
C SER A 27 25.12 31.59 16.67
N LEU A 28 24.37 31.23 17.71
CA LEU A 28 22.96 31.57 17.77
C LEU A 28 22.65 32.71 18.73
N ALA A 29 23.51 32.94 19.71
CA ALA A 29 23.19 33.91 20.76
C ALA A 29 24.35 34.00 21.72
N ASP A 30 24.45 35.13 22.42
CA ASP A 30 25.61 35.33 23.30
C ASP A 30 25.20 35.35 24.76
N HIS A 31 23.94 34.98 25.01
CA HIS A 31 23.36 35.01 26.34
C HIS A 31 22.22 34.00 26.47
N TYR A 32 22.42 33.00 27.35
CA TYR A 32 21.44 31.90 27.58
C TYR A 32 20.92 31.69 29.02
N LEU A 33 19.62 31.45 29.15
CA LEU A 33 19.07 30.73 30.30
C LEU A 33 19.43 29.20 30.16
N VAL A 34 20.01 28.61 31.19
CA VAL A 34 20.32 27.16 31.22
C VAL A 34 19.36 26.48 32.18
N ILE A 35 18.49 25.64 31.63
CA ILE A 35 17.50 24.91 32.40
C ILE A 35 18.02 23.50 32.63
N ALA A 36 18.20 23.17 33.91
CA ALA A 36 18.64 21.84 34.29
C ALA A 36 18.21 21.57 35.73
N ASP A 37 17.79 20.34 36.02
CA ASP A 37 17.56 19.96 37.40
C ASP A 37 18.89 19.87 38.14
N ASP A 38 18.84 19.63 39.45
CA ASP A 38 20.06 19.67 40.28
C ASP A 38 21.01 18.52 40.00
N PHE A 39 20.48 17.31 39.84
CA PHE A 39 21.33 16.16 39.53
C PHE A 39 22.17 16.41 38.24
N VAL A 40 21.51 16.96 37.24
CA VAL A 40 22.18 17.25 35.95
C VAL A 40 23.19 18.38 36.08
N MET A 41 22.85 19.42 36.83
CA MET A 41 23.82 20.49 37.08
C MET A 41 25.08 19.93 37.77
N LYS A 42 24.91 19.01 38.72
CA LYS A 42 26.07 18.42 39.41
C LYS A 42 26.89 17.56 38.46
N LEU A 43 26.19 16.82 37.61
CA LEU A 43 26.87 15.99 36.64
C LEU A 43 27.61 16.83 35.55
N ALA A 44 26.89 17.75 34.92
CA ALA A 44 27.33 18.40 33.65
C ALA A 44 27.61 19.90 33.73
N GLY A 45 27.21 20.54 34.85
CA GLY A 45 27.23 22.01 34.99
C GLY A 45 28.57 22.71 34.82
N ASP A 46 29.61 22.22 35.49
CA ASP A 46 30.96 22.81 35.38
C ASP A 46 31.52 22.71 33.95
N THR A 47 31.35 21.57 33.26
CA THR A 47 31.81 21.45 31.87
C THR A 47 31.05 22.40 30.96
N LEU A 48 29.74 22.41 31.06
CA LEU A 48 28.97 23.27 30.21
C LEU A 48 29.29 24.77 30.46
N MET A 49 29.19 25.22 31.72
CA MET A 49 29.41 26.67 32.00
C MET A 49 30.83 27.03 31.63
N GLY A 50 31.77 26.14 31.90
CA GLY A 50 33.15 26.27 31.43
C GLY A 50 33.25 26.53 29.92
N SER A 51 32.52 25.73 29.12
CA SER A 51 32.58 25.87 27.69
C SER A 51 32.02 27.20 27.27
N LEU A 52 30.91 27.58 27.86
CA LEU A 52 30.23 28.80 27.51
C LEU A 52 31.09 30.03 27.83
N GLN A 53 31.68 30.02 29.03
CA GLN A 53 32.54 31.10 29.47
C GLN A 53 33.68 31.26 28.47
N GLN A 54 34.37 30.15 28.20
CA GLN A 54 35.49 30.15 27.25
C GLN A 54 35.22 30.74 25.85
N HIS A 55 33.96 30.83 25.43
CA HIS A 55 33.59 31.38 24.13
C HIS A 55 32.83 32.69 24.28
N GLY A 56 32.95 33.31 25.45
CA GLY A 56 32.28 34.59 25.72
C GLY A 56 30.78 34.52 25.70
N VAL A 57 30.21 33.40 26.13
CA VAL A 57 28.76 33.28 26.19
C VAL A 57 28.30 33.43 27.64
N LYS A 58 27.39 34.37 27.84
CA LYS A 58 26.84 34.68 29.15
C LYS A 58 25.77 33.66 29.46
N HIS A 59 25.57 33.38 30.74
CA HIS A 59 24.63 32.35 31.17
C HIS A 59 24.13 32.51 32.61
N HIS A 60 22.84 32.31 32.78
CA HIS A 60 22.17 32.26 34.05
C HIS A 60 21.62 30.82 34.22
N ALA A 61 22.09 30.07 35.22
CA ALA A 61 21.50 28.76 35.53
C ALA A 61 20.10 28.93 36.16
N ALA A 62 19.15 28.12 35.75
CA ALA A 62 17.87 28.06 36.42
C ALA A 62 17.52 26.61 36.75
N LEU A 63 17.09 26.40 37.99
CA LEU A 63 16.83 25.09 38.56
C LEU A 63 15.44 24.71 38.04
N PHE A 64 15.39 23.56 37.41
CA PHE A 64 14.18 23.05 36.85
C PHE A 64 13.47 22.22 37.93
N ASN A 65 12.16 22.40 38.12
CA ASN A 65 11.45 21.65 39.18
C ASN A 65 10.79 20.34 38.72
N GLY A 66 11.42 19.70 37.74
CA GLY A 66 11.17 18.29 37.45
C GLY A 66 10.06 18.06 36.46
N GLU A 67 9.03 18.91 36.47
CA GLU A 67 7.83 18.67 35.65
C GLU A 67 7.70 19.72 34.54
N CYS A 68 7.19 19.25 33.41
CA CYS A 68 6.91 20.11 32.26
C CYS A 68 5.42 20.55 32.34
N CYS A 69 5.16 21.64 33.06
CA CYS A 69 3.79 22.14 33.27
C CYS A 69 3.76 23.62 32.93
N HIS A 70 2.60 24.11 32.51
CA HIS A 70 2.45 25.54 32.19
C HIS A 70 3.00 26.43 33.31
N LYS A 71 2.81 26.04 34.57
CA LYS A 71 3.28 26.86 35.69
C LYS A 71 4.79 27.06 35.61
N GLU A 72 5.52 25.94 35.51
CA GLU A 72 6.98 25.96 35.45
C GLU A 72 7.47 26.71 34.21
N ILE A 73 6.73 26.54 33.11
CA ILE A 73 7.00 27.20 31.84
C ILE A 73 6.84 28.72 31.93
N ASP A 74 5.71 29.15 32.48
CA ASP A 74 5.44 30.58 32.68
C ASP A 74 6.43 31.15 33.66
N ARG A 75 6.73 30.42 34.73
CA ARG A 75 7.75 30.85 35.67
C ARG A 75 9.09 31.09 34.98
N LEU A 76 9.59 30.08 34.26
CA LEU A 76 10.93 30.18 33.64
C LEU A 76 10.94 31.27 32.55
N GLY A 77 9.81 31.45 31.86
CA GLY A 77 9.62 32.61 30.98
C GLY A 77 9.92 33.97 31.64
N ARG A 78 9.27 34.22 32.80
CA ARG A 78 9.50 35.48 33.53
C ARG A 78 10.95 35.63 33.92
N GLU A 79 11.56 34.56 34.40
CA GLU A 79 12.95 34.64 34.84
C GLU A 79 13.87 35.03 33.71
N LEU A 80 13.63 34.44 32.54
CA LEU A 80 14.38 34.74 31.34
C LEU A 80 14.31 36.22 31.02
N LYS A 81 13.08 36.74 30.97
CA LYS A 81 12.82 38.13 30.64
C LYS A 81 13.56 39.12 31.55
N ALA A 82 13.82 38.69 32.78
CA ALA A 82 14.32 39.58 33.82
C ALA A 82 15.82 39.70 33.77
N HIS A 83 16.52 38.66 33.29
CA HIS A 83 17.97 38.78 33.10
C HIS A 83 18.34 39.15 31.68
N GLY A 84 17.34 39.22 30.78
CA GLY A 84 17.56 39.60 29.36
C GLY A 84 18.19 38.55 28.44
N CYS A 85 17.96 37.26 28.72
CA CYS A 85 18.64 36.16 28.00
C CYS A 85 18.14 36.14 26.58
N ARG A 86 18.98 35.75 25.62
CA ARG A 86 18.61 35.74 24.20
C ARG A 86 18.60 34.31 23.59
N GLY A 87 18.47 33.31 24.46
CA GLY A 87 18.53 31.91 24.08
C GLY A 87 18.31 31.00 25.30
N VAL A 88 17.84 29.78 25.05
CA VAL A 88 17.56 28.79 26.11
C VAL A 88 18.45 27.56 25.83
N ILE A 89 19.03 26.98 26.90
CA ILE A 89 19.70 25.69 26.81
C ILE A 89 18.96 24.77 27.74
N GLY A 90 18.56 23.61 27.23
CA GLY A 90 17.93 22.55 28.04
C GLY A 90 18.94 21.46 28.23
N VAL A 91 19.14 20.96 29.46
CA VAL A 91 20.12 19.91 29.64
C VAL A 91 19.56 18.88 30.55
N GLY A 92 19.47 17.64 30.07
CA GLY A 92 19.06 16.50 30.86
C GLY A 92 18.05 15.62 30.16
N GLY A 93 17.02 15.24 30.91
CA GLY A 93 16.09 14.25 30.45
C GLY A 93 14.94 14.90 29.75
N GLY A 94 14.02 14.06 29.30
CA GLY A 94 12.90 14.48 28.46
C GLY A 94 12.05 15.64 28.99
N LYS A 95 11.70 15.60 30.28
CA LYS A 95 10.90 16.68 30.82
C LYS A 95 11.70 18.00 30.84
N THR A 96 12.98 17.95 31.09
CA THR A 96 13.78 19.16 31.05
C THR A 96 13.78 19.66 29.61
N LEU A 97 14.05 18.77 28.64
CA LEU A 97 14.10 19.20 27.22
C LEU A 97 12.79 19.76 26.73
N ASP A 98 11.66 19.12 27.08
CA ASP A 98 10.35 19.59 26.64
C ASP A 98 10.00 20.93 27.25
N THR A 99 10.43 21.14 28.46
CA THR A 99 10.30 22.43 29.06
C THR A 99 11.11 23.49 28.32
N ALA A 100 12.36 23.19 27.97
CA ALA A 100 13.18 24.20 27.28
C ALA A 100 12.58 24.55 25.90
N LYS A 101 12.05 23.55 25.20
CA LYS A 101 11.37 23.85 23.90
C LYS A 101 10.23 24.85 24.06
N ALA A 102 9.45 24.69 25.12
CA ALA A 102 8.29 25.52 25.34
C ALA A 102 8.76 26.92 25.73
N ILE A 103 9.76 27.01 26.59
CA ILE A 103 10.24 28.32 27.02
C ILE A 103 10.71 29.07 25.78
N ALA A 104 11.49 28.41 24.92
CA ALA A 104 12.02 29.06 23.73
C ALA A 104 10.92 29.40 22.75
N HIS A 105 9.92 28.54 22.64
CA HIS A 105 8.77 28.85 21.82
C HIS A 105 8.06 30.14 22.27
N TYR A 106 7.61 30.18 23.52
CA TYR A 106 6.86 31.34 24.02
C TYR A 106 7.66 32.64 23.98
N GLN A 107 8.95 32.58 24.29
CA GLN A 107 9.82 33.75 24.22
C GLN A 107 10.35 34.03 22.83
N GLN A 108 9.98 33.20 21.86
CA GLN A 108 10.52 33.24 20.51
C GLN A 108 12.03 33.40 20.47
N LEU A 109 12.74 32.52 21.15
CA LEU A 109 14.20 32.53 21.09
C LEU A 109 14.77 31.19 20.62
N PRO A 110 16.05 31.19 20.18
CA PRO A 110 16.71 29.96 19.76
C PRO A 110 16.93 29.03 20.96
N VAL A 111 16.88 27.71 20.69
CA VAL A 111 17.06 26.67 21.73
C VAL A 111 18.11 25.62 21.33
N VAL A 112 18.99 25.30 22.30
CA VAL A 112 20.02 24.26 22.18
C VAL A 112 19.56 23.19 23.21
N LEU A 113 19.30 21.97 22.74
CA LEU A 113 18.99 20.81 23.62
C LEU A 113 20.17 19.88 23.83
N ILE A 114 20.47 19.54 25.09
CA ILE A 114 21.58 18.67 25.42
C ILE A 114 21.07 17.44 26.20
N PRO A 115 20.60 16.42 25.49
CA PRO A 115 20.12 15.21 26.19
C PRO A 115 21.25 14.48 26.88
N THR A 116 21.02 14.10 28.13
CA THR A 116 22.07 13.38 28.89
C THR A 116 21.81 11.87 28.88
N ILE A 117 20.71 11.49 28.26
CA ILE A 117 20.28 10.07 27.98
C ILE A 117 19.77 9.96 26.53
N ALA A 118 19.87 8.76 25.96
CA ALA A 118 19.37 8.51 24.59
C ALA A 118 18.26 7.50 24.64
N SER A 119 17.20 7.79 25.41
CA SER A 119 16.12 6.84 25.63
C SER A 119 14.84 7.07 24.84
N THR A 120 14.76 8.18 24.11
CA THR A 120 13.62 8.41 23.19
C THR A 120 14.11 9.26 21.97
N ASP A 121 13.31 9.28 20.92
CA ASP A 121 13.60 10.14 19.74
C ASP A 121 12.92 11.52 19.75
N ALA A 122 12.40 11.93 20.91
CA ALA A 122 11.83 13.27 21.14
C ALA A 122 12.74 14.49 20.82
N PRO A 123 14.04 14.47 21.21
CA PRO A 123 14.86 15.69 21.22
C PRO A 123 14.86 16.55 19.92
N THR A 124 14.91 15.91 18.76
CA THR A 124 15.01 16.68 17.50
C THR A 124 13.69 17.23 17.00
N SER A 125 12.58 16.78 17.59
CA SER A 125 11.32 17.01 17.02
C SER A 125 10.69 18.35 17.53
N ALA A 126 9.78 18.88 16.72
CA ALA A 126 9.02 20.10 17.01
C ALA A 126 7.80 19.72 17.86
N LEU A 127 8.01 18.90 18.88
CA LEU A 127 6.92 18.16 19.55
C LEU A 127 7.18 17.95 21.04
N SER A 128 6.08 17.83 21.78
CA SER A 128 6.05 17.37 23.18
C SER A 128 4.83 16.46 23.35
N VAL A 129 4.99 15.40 24.14
CA VAL A 129 3.85 14.52 24.42
C VAL A 129 3.28 14.85 25.79
N ILE A 130 2.02 15.25 25.82
CA ILE A 130 1.34 15.58 27.08
C ILE A 130 0.56 14.36 27.55
N TYR A 131 0.77 14.05 28.82
CA TYR A 131 0.03 13.04 29.51
C TYR A 131 -0.91 13.75 30.51
N THR A 132 -1.69 12.95 31.21
CA THR A 132 -2.49 13.41 32.33
C THR A 132 -1.56 13.29 33.55
N GLU A 133 -2.03 13.62 34.74
CA GLU A 133 -1.21 13.39 35.92
C GLU A 133 -1.25 11.91 36.28
N GLN A 134 -2.34 11.22 35.93
CA GLN A 134 -2.43 9.76 36.14
C GLN A 134 -1.58 8.93 35.13
N GLY A 135 -0.86 9.60 34.22
CA GLY A 135 0.09 8.95 33.30
C GLY A 135 -0.48 8.54 31.94
N GLU A 136 -1.69 9.01 31.66
CA GLU A 136 -2.46 8.58 30.51
C GLU A 136 -2.28 9.56 29.34
N PHE A 137 -1.92 9.06 28.14
CA PHE A 137 -1.65 9.91 26.98
C PHE A 137 -2.76 10.96 26.84
N ALA A 138 -2.36 12.21 26.66
CA ALA A 138 -3.31 13.31 26.49
C ALA A 138 -3.33 13.80 25.02
N GLU A 139 -2.21 14.31 24.56
CA GLU A 139 -2.14 14.93 23.22
C GLU A 139 -0.68 15.00 22.75
N TYR A 140 -0.52 15.02 21.44
CA TYR A 140 0.73 15.50 20.85
C TYR A 140 0.60 17.02 20.89
N LEU A 141 1.51 17.74 21.55
CA LEU A 141 1.62 19.19 21.34
C LEU A 141 2.78 19.56 20.32
N ILE A 142 2.40 20.24 19.23
CA ILE A 142 3.28 20.53 18.07
C ILE A 142 3.74 21.99 17.98
N TYR A 143 5.03 22.23 18.01
CA TYR A 143 5.57 23.60 17.75
C TYR A 143 5.73 23.88 16.27
N PRO A 144 5.80 25.17 15.91
CA PRO A 144 5.91 25.47 14.49
C PRO A 144 7.35 25.35 13.96
N ARG A 145 8.34 25.16 14.82
CA ARG A 145 9.71 24.91 14.35
C ARG A 145 10.46 23.91 15.23
N ASN A 146 11.49 23.31 14.66
CA ASN A 146 12.34 22.35 15.37
C ASN A 146 13.38 23.08 16.24
N PRO A 147 13.90 22.42 17.27
CA PRO A 147 15.00 22.97 18.02
C PRO A 147 16.12 23.39 17.09
N ASP A 148 16.85 24.47 17.42
CA ASP A 148 17.90 24.95 16.56
C ASP A 148 19.06 24.00 16.50
N MET A 149 19.37 23.43 17.66
CA MET A 149 20.57 22.64 17.80
C MET A 149 20.36 21.54 18.86
N VAL A 150 20.91 20.36 18.59
CA VAL A 150 20.80 19.19 19.51
C VAL A 150 22.18 18.68 19.64
N VAL A 151 22.67 18.55 20.88
CA VAL A 151 24.05 18.19 21.14
C VAL A 151 24.06 16.88 21.98
N MET A 152 24.65 15.82 21.44
CA MET A 152 24.73 14.49 22.08
C MET A 152 26.13 14.17 22.50
N ASP A 153 26.37 14.22 23.81
CA ASP A 153 27.70 13.90 24.33
C ASP A 153 27.70 12.41 24.62
N VAL A 154 28.43 11.67 23.79
CA VAL A 154 28.33 10.23 23.80
C VAL A 154 28.97 9.60 25.07
N ALA A 155 29.95 10.27 25.61
CA ALA A 155 30.65 9.87 26.87
C ALA A 155 29.74 9.91 28.05
N ILE A 156 28.95 10.96 28.15
CA ILE A 156 27.89 11.07 29.13
C ILE A 156 26.80 9.99 28.96
N ILE A 157 26.31 9.83 27.74
CA ILE A 157 25.31 8.83 27.46
C ILE A 157 25.78 7.40 27.80
N ALA A 158 27.02 7.08 27.49
CA ALA A 158 27.55 5.73 27.73
C ALA A 158 27.79 5.42 29.21
N LYS A 159 27.81 6.44 30.05
CA LYS A 159 27.83 6.27 31.50
C LYS A 159 26.45 6.19 32.10
N ALA A 160 25.39 6.53 31.37
CA ALA A 160 24.03 6.36 31.87
C ALA A 160 23.60 4.85 31.84
N PRO A 161 22.67 4.45 32.72
CA PRO A 161 22.27 3.03 32.81
C PRO A 161 21.84 2.47 31.45
N VAL A 162 22.30 1.28 31.18
CA VAL A 162 22.08 0.58 29.91
C VAL A 162 20.62 0.41 29.60
N ARG A 163 19.79 0.33 30.64
CA ARG A 163 18.39 0.18 30.44
C ARG A 163 17.83 1.41 29.63
N LEU A 164 18.39 2.61 29.85
CA LEU A 164 17.89 3.81 29.09
C LEU A 164 18.28 3.74 27.58
N LEU A 165 19.45 3.21 27.29
CA LEU A 165 19.85 2.99 25.88
C LEU A 165 18.98 1.98 25.21
N VAL A 166 18.64 0.92 25.93
CA VAL A 166 17.76 -0.09 25.41
C VAL A 166 16.39 0.44 25.14
N ALA A 167 15.85 1.27 26.05
CA ALA A 167 14.56 1.82 25.85
C ALA A 167 14.58 2.73 24.57
N GLY A 168 15.66 3.49 24.34
CA GLY A 168 15.76 4.32 23.13
C GLY A 168 15.79 3.43 21.87
N MET A 169 16.40 2.23 21.95
CA MET A 169 16.44 1.30 20.82
C MET A 169 15.07 0.76 20.62
N GLY A 170 14.31 0.66 21.71
CA GLY A 170 12.94 0.22 21.59
C GLY A 170 12.02 1.21 20.86
N ASP A 171 12.21 2.49 21.17
CA ASP A 171 11.52 3.54 20.51
C ASP A 171 11.96 3.63 19.04
N ALA A 172 13.24 3.49 18.79
CA ALA A 172 13.80 3.54 17.44
C ALA A 172 13.31 2.38 16.61
N LEU A 173 13.10 1.22 17.24
CA LEU A 173 12.69 0.05 16.56
C LEU A 173 11.36 0.24 15.78
N SER A 174 10.44 1.02 16.27
CA SER A 174 9.17 1.15 15.64
C SER A 174 9.34 2.04 14.34
N THR A 175 10.41 2.78 14.21
CA THR A 175 10.45 3.92 13.28
C THR A 175 10.24 3.43 11.84
N TYR A 176 10.95 2.38 11.46
CA TYR A 176 10.83 1.87 10.09
C TYR A 176 9.50 1.36 9.81
N PHE A 177 8.95 0.57 10.73
CA PHE A 177 7.69 -0.02 10.48
C PHE A 177 6.56 1.00 10.40
N GLU A 178 6.58 2.01 11.22
CA GLU A 178 5.55 3.03 11.17
C GLU A 178 5.70 3.92 9.90
N ALA A 179 6.93 4.29 9.59
CA ALA A 179 7.23 5.11 8.42
C ALA A 179 6.81 4.45 7.11
N GLN A 180 7.06 3.15 6.99
CA GLN A 180 6.76 2.40 5.79
C GLN A 180 5.30 2.12 5.67
N ALA A 181 4.65 1.88 6.81
CA ALA A 181 3.20 1.83 6.79
C ALA A 181 2.52 3.17 6.32
N CYS A 182 2.97 4.29 6.84
CA CYS A 182 2.49 5.62 6.43
C CYS A 182 2.78 5.87 4.94
N PHE A 183 3.96 5.52 4.54
CA PHE A 183 4.39 5.74 3.19
C PHE A 183 3.44 4.99 2.26
N ASP A 184 3.20 3.73 2.58
CA ASP A 184 2.26 2.89 1.87
C ASP A 184 0.84 3.41 1.82
N ALA A 185 0.42 4.08 2.89
CA ALA A 185 -0.91 4.63 2.99
C ALA A 185 -0.99 6.02 2.37
N GLN A 186 0.14 6.58 1.99
CA GLN A 186 0.17 7.96 1.55
C GLN A 186 -0.36 8.84 2.67
N ALA A 187 -0.02 8.55 3.92
CA ALA A 187 -0.46 9.36 5.03
C ALA A 187 0.37 10.58 5.24
N THR A 188 -0.22 11.55 5.89
CA THR A 188 0.40 12.81 6.16
C THR A 188 1.19 12.72 7.47
N SER A 189 2.41 13.17 7.47
CA SER A 189 3.29 13.12 8.64
C SER A 189 3.00 14.31 9.57
N MET A 190 3.66 14.36 10.72
CA MET A 190 3.58 15.55 11.56
C MET A 190 4.30 16.78 10.93
N ALA A 191 5.15 16.58 9.95
CA ALA A 191 5.75 17.71 9.26
C ALA A 191 4.70 18.37 8.30
N GLY A 192 3.58 17.71 8.03
CA GLY A 192 2.43 18.35 7.35
C GLY A 192 2.21 17.87 5.89
N GLY A 193 3.07 17.01 5.38
CA GLY A 193 2.88 16.47 4.04
C GLY A 193 3.11 14.98 3.96
N LYS A 194 3.17 14.49 2.76
CA LYS A 194 3.59 13.17 2.45
C LYS A 194 5.10 13.04 2.79
N SER A 195 5.56 11.83 3.02
CA SER A 195 6.96 11.63 3.31
C SER A 195 7.84 11.81 2.07
N THR A 196 8.98 12.43 2.27
CA THR A 196 10.05 12.43 1.32
C THR A 196 10.67 11.04 1.28
N LEU A 197 11.38 10.77 0.21
CA LEU A 197 12.27 9.65 0.17
C LEU A 197 13.34 9.70 1.28
N ALA A 198 13.91 10.88 1.55
CA ALA A 198 14.89 11.10 2.58
C ALA A 198 14.41 10.58 3.98
N ALA A 199 13.24 11.02 4.40
CA ALA A 199 12.72 10.65 5.77
C ALA A 199 12.46 9.15 5.85
N LEU A 200 11.95 8.54 4.79
CA LEU A 200 11.75 7.09 4.80
C LEU A 200 13.05 6.36 4.85
N SER A 201 14.06 6.83 4.13
CA SER A 201 15.32 6.14 4.07
C SER A 201 16.04 6.25 5.41
N LEU A 202 15.91 7.36 6.10
CA LEU A 202 16.52 7.52 7.41
C LEU A 202 15.84 6.55 8.39
N ALA A 203 14.53 6.40 8.25
CA ALA A 203 13.82 5.46 9.08
C ALA A 203 14.27 4.02 8.85
N ARG A 204 14.54 3.63 7.60
CA ARG A 204 15.00 2.31 7.32
C ARG A 204 16.41 2.12 7.86
N LEU A 205 17.21 3.19 7.77
CA LEU A 205 18.58 3.17 8.17
C LEU A 205 18.61 2.99 9.69
N CYS A 206 17.67 3.59 10.36
CA CYS A 206 17.44 3.36 11.80
C CYS A 206 17.31 1.85 12.13
N TYR A 207 16.36 1.17 11.50
CA TYR A 207 16.14 -0.23 11.70
C TYR A 207 17.39 -1.02 11.39
N ASP A 208 18.04 -0.71 10.25
CA ASP A 208 19.22 -1.47 9.87
C ASP A 208 20.43 -1.23 10.84
N THR A 209 20.59 -0.03 11.37
CA THR A 209 21.64 0.26 12.32
C THR A 209 21.36 -0.53 13.62
N LEU A 210 20.12 -0.57 14.06
CA LEU A 210 19.77 -1.28 15.33
C LEU A 210 20.18 -2.76 15.20
N LEU A 211 19.85 -3.37 14.07
CA LEU A 211 20.16 -4.76 13.86
C LEU A 211 21.67 -4.99 13.77
N ALA A 212 22.42 -4.11 13.09
CA ALA A 212 23.85 -4.28 13.03
C ALA A 212 24.62 -3.95 14.35
N GLU A 213 24.18 -2.92 15.05
CA GLU A 213 25.00 -2.31 16.08
C GLU A 213 24.45 -2.42 17.53
N GLY A 214 23.20 -2.81 17.68
CA GLY A 214 22.48 -2.72 18.93
C GLY A 214 23.13 -3.55 20.08
N VAL A 215 23.49 -4.79 19.76
CA VAL A 215 24.15 -5.67 20.78
C VAL A 215 25.51 -5.19 21.06
N LYS A 216 26.29 -4.81 20.05
CA LYS A 216 27.59 -4.28 20.30
C LYS A 216 27.61 -3.04 21.13
N ALA A 217 26.63 -2.17 20.91
CA ALA A 217 26.55 -0.94 21.64
C ALA A 217 26.14 -1.20 23.14
N LYS A 218 25.16 -2.09 23.28
CA LYS A 218 24.65 -2.47 24.61
C LYS A 218 25.87 -2.97 25.44
N LEU A 219 26.68 -3.85 24.88
CA LEU A 219 27.87 -4.42 25.57
C LEU A 219 28.86 -3.34 25.98
N ALA A 220 29.05 -2.35 25.10
CA ALA A 220 29.97 -1.27 25.42
C ALA A 220 29.44 -0.40 26.54
N VAL A 221 28.18 -0.09 26.51
CA VAL A 221 27.57 0.81 27.51
C VAL A 221 27.52 0.04 28.88
N GLU A 222 27.29 -1.27 28.87
CA GLU A 222 27.39 -2.10 30.10
C GLU A 222 28.79 -1.95 30.70
N ALA A 223 29.83 -1.79 29.86
CA ALA A 223 31.17 -1.46 30.35
C ALA A 223 31.42 0.01 30.59
N GLY A 224 30.42 0.87 30.38
CA GLY A 224 30.62 2.30 30.56
C GLY A 224 31.42 3.10 29.53
N VAL A 225 31.64 2.54 28.35
CA VAL A 225 32.53 3.15 27.35
C VAL A 225 31.84 3.43 26.00
N VAL A 226 32.53 4.22 25.19
CA VAL A 226 32.04 4.60 23.83
C VAL A 226 32.89 3.94 22.80
N THR A 227 32.24 3.12 21.98
CA THR A 227 32.83 2.60 20.78
C THR A 227 32.07 3.21 19.57
N GLU A 228 32.49 2.82 18.35
CA GLU A 228 31.80 3.34 17.15
C GLU A 228 30.36 2.80 17.12
N ALA A 229 30.17 1.56 17.60
CA ALA A 229 28.83 1.02 17.68
C ALA A 229 27.90 1.86 18.56
N VAL A 230 28.39 2.33 19.70
CA VAL A 230 27.64 3.21 20.53
C VAL A 230 27.29 4.59 19.80
N GLU A 231 28.25 5.14 19.09
CA GLU A 231 28.06 6.38 18.33
C GLU A 231 26.93 6.21 17.29
N ARG A 232 26.88 5.02 16.67
CA ARG A 232 25.87 4.70 15.68
C ARG A 232 24.52 4.50 16.24
N ILE A 233 24.42 3.86 17.42
CA ILE A 233 23.18 3.72 18.04
C ILE A 233 22.66 5.00 18.58
N ILE A 234 23.52 5.85 19.11
CA ILE A 234 23.03 7.11 19.62
C ILE A 234 22.42 7.97 18.44
N GLU A 235 23.13 7.99 17.32
CA GLU A 235 22.55 8.61 16.08
C GLU A 235 21.26 7.99 15.67
N ALA A 236 21.21 6.65 15.68
CA ALA A 236 19.96 5.99 15.38
C ALA A 236 18.77 6.29 16.30
N ASN A 237 19.01 6.26 17.62
CA ASN A 237 17.99 6.58 18.61
C ASN A 237 17.53 8.06 18.59
N THR A 238 18.37 8.92 18.02
CA THR A 238 18.15 10.37 18.17
C THR A 238 17.83 11.06 16.81
N TYR A 239 18.81 11.10 15.94
CA TYR A 239 18.59 11.78 14.65
C TYR A 239 17.78 10.92 13.66
N LEU A 240 18.20 9.67 13.44
CA LEU A 240 17.50 8.88 12.46
C LEU A 240 16.07 8.60 12.83
N SER A 241 15.86 8.17 14.07
CA SER A 241 14.55 7.92 14.51
C SER A 241 13.72 9.27 14.58
N GLY A 242 14.34 10.37 14.94
CA GLY A 242 13.61 11.62 15.23
C GLY A 242 13.08 12.16 13.90
N ILE A 243 13.89 12.13 12.86
CA ILE A 243 13.44 12.61 11.53
C ILE A 243 12.47 11.60 10.92
N GLY A 244 12.77 10.31 11.07
CA GLY A 244 11.90 9.29 10.59
C GLY A 244 10.51 9.39 11.13
N PHE A 245 10.37 9.59 12.43
CA PHE A 245 9.04 9.58 12.96
C PHE A 245 8.30 10.93 12.68
N GLU A 246 8.97 12.04 12.75
CA GLU A 246 8.28 13.32 12.57
C GLU A 246 7.93 13.60 11.11
N SER A 247 8.86 13.28 10.22
CA SER A 247 8.76 13.66 8.76
C SER A 247 8.36 12.48 7.91
N SER A 248 8.37 11.25 8.50
CA SER A 248 7.90 10.13 7.76
C SER A 248 6.59 9.60 8.25
N GLY A 249 6.41 9.35 9.56
CA GLY A 249 5.08 9.14 10.07
C GLY A 249 5.03 8.17 11.26
N LEU A 250 4.05 8.38 12.12
CA LEU A 250 3.61 7.41 13.19
C LEU A 250 2.44 6.59 12.74
N ALA A 251 2.26 5.38 13.29
CA ALA A 251 1.16 4.55 12.88
C ALA A 251 0.71 3.69 14.05
N ALA A 252 0.61 2.36 13.88
CA ALA A 252 0.00 1.55 14.93
C ALA A 252 0.84 1.51 16.19
N ALA A 253 2.17 1.38 16.10
CA ALA A 253 2.95 1.07 17.31
C ALA A 253 2.83 2.15 18.38
N HIS A 254 2.94 3.42 17.99
CA HIS A 254 2.78 4.50 18.92
C HIS A 254 1.32 4.67 19.42
N ALA A 255 0.32 4.38 18.58
CA ALA A 255 -1.08 4.43 18.98
C ALA A 255 -1.33 3.33 20.07
N ILE A 256 -0.73 2.17 19.84
CA ILE A 256 -0.84 1.04 20.80
C ILE A 256 -0.12 1.38 22.09
N HIS A 257 1.07 1.95 22.00
CA HIS A 257 1.71 2.54 23.19
C HIS A 257 0.79 3.48 23.98
N ASN A 258 0.13 4.40 23.28
CA ASN A 258 -0.82 5.31 23.90
C ASN A 258 -1.96 4.60 24.52
N GLY A 259 -2.44 3.55 23.90
CA GLY A 259 -3.51 2.80 24.44
C GLY A 259 -3.15 2.08 25.73
N PHE A 260 -1.89 1.62 25.84
CA PHE A 260 -1.40 0.93 27.05
C PHE A 260 -1.32 1.86 28.27
N THR A 261 -1.30 3.16 28.02
CA THR A 261 -1.25 4.13 29.09
C THR A 261 -2.59 4.15 29.85
N VAL A 262 -3.65 3.51 29.41
CA VAL A 262 -4.81 3.42 30.27
C VAL A 262 -4.66 2.30 31.30
N LEU A 263 -3.61 1.45 31.25
CA LEU A 263 -3.50 0.40 32.28
C LEU A 263 -2.50 0.82 33.35
N GLU A 264 -2.84 0.66 34.63
CA GLU A 264 -1.85 0.97 35.72
C GLU A 264 -0.66 -0.01 35.76
N GLU A 265 -0.88 -1.25 35.37
CA GLU A 265 0.16 -2.28 35.44
C GLU A 265 1.46 -1.93 34.69
N CYS A 266 1.39 -1.04 33.68
CA CYS A 266 2.51 -0.67 32.77
C CYS A 266 3.16 0.62 33.07
N HIS A 267 2.44 1.45 33.84
CA HIS A 267 2.57 2.93 33.83
C HIS A 267 4.01 3.42 34.18
N HIS A 268 4.75 2.56 34.88
CA HIS A 268 6.12 2.89 35.13
C HIS A 268 7.18 2.30 34.18
N LEU A 269 6.82 1.43 33.20
CA LEU A 269 7.81 0.88 32.17
C LEU A 269 8.26 2.09 31.36
N TYR A 270 9.42 2.11 30.72
CA TYR A 270 9.84 3.27 29.95
C TYR A 270 9.08 3.28 28.58
N HIS A 271 8.84 4.47 28.10
CA HIS A 271 8.17 4.67 26.78
C HIS A 271 8.67 3.67 25.73
N GLY A 272 9.96 3.59 25.52
CA GLY A 272 10.51 2.69 24.46
C GLY A 272 10.32 1.22 24.66
N GLU A 273 10.23 0.78 25.95
CA GLU A 273 9.86 -0.58 26.26
C GLU A 273 8.46 -0.89 25.78
N LYS A 274 7.52 0.03 26.03
CA LYS A 274 6.18 -0.20 25.61
C LYS A 274 6.05 -0.14 24.09
N VAL A 275 6.80 0.79 23.50
CA VAL A 275 6.74 0.98 22.02
C VAL A 275 7.28 -0.28 21.35
N ALA A 276 8.30 -0.91 21.89
CA ALA A 276 8.78 -2.18 21.32
C ALA A 276 7.72 -3.23 21.20
N PHE A 277 6.94 -3.41 22.26
CA PHE A 277 5.84 -4.36 22.22
C PHE A 277 4.73 -3.92 21.22
N GLY A 278 4.40 -2.62 21.24
CA GLY A 278 3.49 -2.03 20.28
C GLY A 278 3.94 -2.29 18.81
N THR A 279 5.24 -2.31 18.57
CA THR A 279 5.83 -2.68 17.23
C THR A 279 5.54 -4.12 16.87
N LEU A 280 5.70 -5.02 17.85
CA LEU A 280 5.32 -6.38 17.66
C LEU A 280 3.90 -6.52 17.35
N ALA A 281 3.04 -5.81 18.09
CA ALA A 281 1.67 -5.91 17.80
C ALA A 281 1.32 -5.38 16.37
N GLN A 282 1.96 -4.29 15.97
CA GLN A 282 1.87 -3.78 14.59
C GLN A 282 2.25 -4.85 13.54
N LEU A 283 3.29 -5.63 13.80
CA LEU A 283 3.65 -6.72 12.89
C LEU A 283 2.54 -7.74 12.68
N VAL A 284 1.81 -8.09 13.73
CA VAL A 284 0.72 -8.99 13.62
C VAL A 284 -0.43 -8.29 12.92
N LEU A 285 -0.69 -7.02 13.24
CA LEU A 285 -1.80 -6.28 12.66
C LEU A 285 -1.68 -6.25 11.10
N GLN A 286 -0.49 -5.99 10.60
CA GLN A 286 -0.22 -5.90 9.15
C GLN A 286 0.24 -7.19 8.52
N ASN A 287 0.22 -8.29 9.30
CA ASN A 287 0.55 -9.61 8.85
C ASN A 287 1.94 -9.82 8.28
N SER A 288 2.96 -9.23 8.91
CA SER A 288 4.34 -9.46 8.55
C SER A 288 4.64 -10.90 8.49
N PRO A 289 5.57 -11.30 7.61
CA PRO A 289 5.86 -12.73 7.54
C PRO A 289 6.56 -13.20 8.84
N MET A 290 6.52 -14.50 9.06
CA MET A 290 7.11 -15.06 10.28
C MET A 290 8.60 -14.72 10.38
N ALA A 291 9.37 -14.77 9.28
CA ALA A 291 10.82 -14.46 9.33
C ALA A 291 11.05 -13.05 9.92
N GLN A 292 10.24 -12.09 9.54
CA GLN A 292 10.38 -10.76 10.08
C GLN A 292 9.98 -10.61 11.58
N ILE A 293 8.92 -11.29 11.95
CA ILE A 293 8.57 -11.44 13.36
C ILE A 293 9.69 -12.07 14.17
N GLU A 294 10.21 -13.21 13.72
CA GLU A 294 11.41 -13.82 14.33
C GLU A 294 12.60 -12.88 14.51
N THR A 295 12.93 -12.09 13.48
CA THR A 295 13.98 -11.16 13.57
C THR A 295 13.75 -10.14 14.66
N VAL A 296 12.55 -9.65 14.76
CA VAL A 296 12.25 -8.65 15.77
C VAL A 296 12.22 -9.31 17.17
N LEU A 297 11.56 -10.45 17.31
CA LEU A 297 11.57 -11.14 18.59
C LEU A 297 13.01 -11.42 19.10
N ALA A 298 13.90 -11.89 18.23
CA ALA A 298 15.27 -12.17 18.59
C ALA A 298 16.03 -10.89 18.96
N PHE A 299 15.81 -9.81 18.22
CA PHE A 299 16.39 -8.52 18.60
C PHE A 299 15.89 -8.04 19.98
N CYS A 300 14.59 -8.02 20.21
CA CYS A 300 14.07 -7.52 21.47
C CYS A 300 14.55 -8.40 22.65
N HIS A 301 14.46 -9.70 22.46
CA HIS A 301 14.95 -10.63 23.51
C HIS A 301 16.44 -10.46 23.75
N ARG A 302 17.22 -10.27 22.72
CA ARG A 302 18.69 -10.13 22.84
C ARG A 302 19.10 -8.82 23.53
N ILE A 303 18.32 -7.73 23.41
CA ILE A 303 18.73 -6.56 24.10
C ILE A 303 17.95 -6.28 25.36
N GLY A 304 16.87 -7.00 25.64
CA GLY A 304 16.12 -6.85 26.84
C GLY A 304 14.85 -6.04 26.76
N LEU A 305 14.17 -6.07 25.59
CA LEU A 305 12.90 -5.40 25.45
C LEU A 305 11.72 -6.41 25.61
N PRO A 306 10.60 -5.98 26.15
CA PRO A 306 9.49 -6.93 26.33
C PRO A 306 8.80 -7.50 25.11
N ILE A 307 8.54 -8.80 25.12
CA ILE A 307 7.88 -9.47 24.02
C ILE A 307 6.61 -10.22 24.46
N THR A 308 6.13 -9.96 25.68
CA THR A 308 4.87 -10.53 26.15
C THR A 308 4.13 -9.56 27.10
N LEU A 309 2.84 -9.80 27.30
CA LEU A 309 2.08 -9.03 28.19
C LEU A 309 2.63 -9.21 29.59
N ALA A 310 3.06 -10.40 29.94
CA ALA A 310 3.58 -10.57 31.31
C ALA A 310 4.82 -9.70 31.53
N GLU A 311 5.69 -9.54 30.53
CA GLU A 311 6.83 -8.64 30.73
C GLU A 311 6.42 -7.19 30.76
N MET A 312 5.24 -6.88 30.33
CA MET A 312 4.72 -5.56 30.63
C MET A 312 3.86 -5.45 31.92
N GLY A 313 3.78 -6.52 32.69
CA GLY A 313 3.13 -6.46 34.01
C GLY A 313 1.72 -6.90 33.94
N VAL A 314 1.24 -7.27 32.75
CA VAL A 314 -0.17 -7.63 32.54
C VAL A 314 -0.38 -9.16 32.57
N SER A 315 -1.26 -9.68 33.45
CA SER A 315 -1.51 -11.14 33.60
CA SER A 315 -1.46 -11.12 33.54
C SER A 315 -2.93 -11.41 33.81
N GLY A 316 -3.30 -12.67 33.81
CA GLY A 316 -4.66 -13.11 34.06
C GLY A 316 -5.54 -12.93 32.83
N ASP A 317 -6.82 -12.74 33.10
CA ASP A 317 -7.80 -12.62 32.04
C ASP A 317 -7.80 -11.16 31.65
N ALA A 318 -6.93 -10.85 30.71
CA ALA A 318 -6.70 -9.48 30.31
C ALA A 318 -7.55 -9.12 29.07
N VAL A 319 -8.57 -9.94 28.79
CA VAL A 319 -9.41 -9.75 27.62
C VAL A 319 -10.02 -8.35 27.58
N GLU A 320 -10.59 -7.95 28.71
CA GLU A 320 -11.21 -6.66 28.87
C GLU A 320 -10.21 -5.53 28.92
N LYS A 321 -9.08 -5.74 29.58
CA LYS A 321 -8.07 -4.68 29.66
C LYS A 321 -7.48 -4.41 28.25
N ILE A 322 -7.24 -5.47 27.48
CA ILE A 322 -6.66 -5.28 26.14
C ILE A 322 -7.73 -4.64 25.20
N MET A 323 -9.03 -4.92 25.43
CA MET A 323 -10.09 -4.24 24.68
C MET A 323 -10.12 -2.76 24.98
N ALA A 324 -9.88 -2.38 26.24
CA ALA A 324 -9.68 -0.99 26.60
C ALA A 324 -8.44 -0.35 25.96
N VAL A 325 -7.32 -1.08 25.93
CA VAL A 325 -6.10 -0.62 25.19
C VAL A 325 -6.46 -0.36 23.74
N ALA A 326 -7.16 -1.31 23.15
CA ALA A 326 -7.52 -1.30 21.72
C ALA A 326 -8.45 -0.17 21.37
N GLN A 327 -9.45 0.11 22.22
CA GLN A 327 -10.35 1.25 22.00
C GLN A 327 -9.61 2.57 22.06
N ALA A 328 -8.75 2.72 23.05
CA ALA A 328 -8.01 3.93 23.20
C ALA A 328 -7.03 4.09 22.00
N SER A 329 -6.47 2.99 21.47
CA SER A 329 -5.48 3.13 20.39
C SER A 329 -6.17 3.57 19.11
N CYS A 330 -7.47 3.24 18.98
CA CYS A 330 -8.27 3.59 17.82
C CYS A 330 -9.08 4.90 17.94
N ALA A 331 -8.84 5.72 18.96
CA ALA A 331 -9.60 6.94 19.16
C ALA A 331 -9.43 7.79 17.91
N ALA A 332 -10.38 8.72 17.72
CA ALA A 332 -10.34 9.62 16.57
C ALA A 332 -9.09 10.41 16.68
N GLY A 333 -8.39 10.57 15.58
CA GLY A 333 -7.20 11.39 15.59
C GLY A 333 -5.95 10.58 15.91
N GLU A 334 -6.08 9.33 16.38
CA GLU A 334 -4.87 8.55 16.69
C GLU A 334 -4.16 8.15 15.39
N THR A 335 -2.89 7.84 15.51
CA THR A 335 -2.04 7.54 14.40
C THR A 335 -2.27 6.19 13.79
N ILE A 336 -3.03 5.33 14.45
CA ILE A 336 -3.26 4.00 13.91
C ILE A 336 -4.07 3.99 12.60
N HIS A 337 -4.80 5.06 12.36
CA HIS A 337 -5.55 5.22 11.09
C HIS A 337 -4.64 5.56 9.92
N ASN A 338 -3.36 5.79 10.18
CA ASN A 338 -2.34 5.92 9.15
C ASN A 338 -1.87 4.61 8.54
N MET A 339 -2.40 3.48 9.02
CA MET A 339 -2.08 2.19 8.48
C MET A 339 -2.75 2.16 7.09
N PRO A 340 -2.21 1.37 6.16
CA PRO A 340 -2.71 1.32 4.79
C PRO A 340 -3.92 0.42 4.66
N PHE A 341 -4.66 0.23 5.72
CA PHE A 341 -5.86 -0.55 5.74
C PHE A 341 -6.71 -0.10 6.91
N LYS A 342 -7.96 -0.48 6.90
CA LYS A 342 -8.89 -0.09 7.93
C LYS A 342 -8.56 -0.82 9.24
N VAL A 343 -8.50 -0.12 10.34
CA VAL A 343 -8.20 -0.78 11.62
C VAL A 343 -9.40 -0.58 12.56
N THR A 344 -9.81 -1.62 13.25
CA THR A 344 -10.84 -1.54 14.25
C THR A 344 -10.28 -2.01 15.67
N PRO A 345 -10.94 -1.58 16.77
CA PRO A 345 -10.54 -2.07 18.10
C PRO A 345 -10.44 -3.59 18.14
N ALA A 346 -11.36 -4.30 17.52
CA ALA A 346 -11.27 -5.75 17.56
C ALA A 346 -10.00 -6.28 16.89
N GLY A 347 -9.56 -5.61 15.82
CA GLY A 347 -8.35 -6.03 15.13
C GLY A 347 -7.10 -5.76 15.95
N VAL A 348 -7.09 -4.66 16.68
CA VAL A 348 -6.00 -4.28 17.52
C VAL A 348 -5.89 -5.24 18.71
N GLN A 349 -7.03 -5.51 19.32
CA GLN A 349 -7.08 -6.52 20.42
C GLN A 349 -6.54 -7.86 19.95
N ALA A 350 -6.96 -8.30 18.77
CA ALA A 350 -6.46 -9.49 18.17
C ALA A 350 -4.98 -9.47 17.98
N ALA A 351 -4.42 -8.35 17.50
CA ALA A 351 -3.01 -8.28 17.22
C ALA A 351 -2.18 -8.33 18.53
N ILE A 352 -2.66 -7.60 19.53
CA ILE A 352 -2.02 -7.61 20.85
C ILE A 352 -2.00 -9.01 21.47
N LEU A 353 -3.18 -9.64 21.60
CA LEU A 353 -3.29 -10.93 22.22
C LEU A 353 -2.48 -11.97 21.47
N THR A 354 -2.41 -11.83 20.14
CA THR A 354 -1.66 -12.75 19.35
C THR A 354 -0.14 -12.51 19.48
N ALA A 355 0.28 -11.25 19.48
CA ALA A 355 1.69 -10.93 19.66
C ALA A 355 2.22 -11.53 20.99
N ASP A 356 1.41 -11.39 22.04
CA ASP A 356 1.76 -12.00 23.34
C ASP A 356 2.02 -13.50 23.18
N ARG A 357 1.14 -14.18 22.45
CA ARG A 357 1.34 -15.57 22.24
C ARG A 357 2.53 -15.93 21.45
N LEU A 358 2.84 -15.16 20.40
CA LEU A 358 4.08 -15.33 19.66
C LEU A 358 5.35 -15.18 20.53
N GLY A 359 5.39 -14.14 21.32
CA GLY A 359 6.52 -13.87 22.15
C GLY A 359 6.63 -14.97 23.24
N SER A 360 5.51 -15.44 23.78
CA SER A 360 5.56 -16.53 24.80
C SER A 360 6.06 -17.86 24.22
N ALA A 361 5.67 -18.16 22.98
CA ALA A 361 6.20 -19.34 22.31
C ALA A 361 7.65 -19.18 22.00
N TRP A 362 8.06 -17.99 21.57
CA TRP A 362 9.46 -17.76 21.34
C TRP A 362 10.33 -17.97 22.66
N LEU A 363 9.84 -17.41 23.75
CA LEU A 363 10.50 -17.61 25.05
C LEU A 363 10.67 -19.10 25.42
N GLN A 364 9.66 -19.90 25.19
CA GLN A 364 9.73 -21.36 25.40
C GLN A 364 10.75 -22.10 24.55
N GLN A 365 11.07 -21.59 23.37
CA GLN A 365 12.15 -22.19 22.57
C GLN A 365 13.51 -21.57 22.92
N HIS A 366 13.48 -20.56 23.77
CA HIS A 366 14.53 -19.69 24.29
C HIS A 366 15.29 -18.81 23.30
N GLN A 367 14.96 -18.88 22.01
CA GLN A 367 15.85 -18.49 20.91
C GLN A 367 14.94 -18.85 19.83
N LEU B 2 -15.63 -7.90 4.20
CA LEU B 2 -15.84 -9.22 3.57
C LEU B 2 -14.95 -9.39 2.35
N ARG B 3 -14.37 -10.55 2.22
CA ARG B 3 -13.68 -10.99 0.95
C ARG B 3 -14.61 -11.83 0.17
N ILE B 4 -14.75 -11.57 -1.13
CA ILE B 4 -15.74 -12.27 -1.93
C ILE B 4 -15.12 -12.65 -3.26
N ILE B 5 -15.34 -13.89 -3.65
CA ILE B 5 -14.95 -14.36 -4.95
C ILE B 5 -16.17 -14.92 -5.61
N GLN B 6 -16.36 -14.60 -6.92
CA GLN B 6 -17.41 -15.23 -7.68
C GLN B 6 -16.87 -15.86 -8.96
N SER B 7 -17.63 -16.79 -9.50
CA SER B 7 -17.15 -17.54 -10.65
C SER B 7 -18.35 -18.10 -11.43
N PRO B 8 -18.17 -18.37 -12.72
CA PRO B 8 -19.18 -19.16 -13.43
C PRO B 8 -19.16 -20.51 -12.80
N GLY B 9 -20.21 -21.31 -12.98
CA GLY B 9 -20.26 -22.57 -12.31
C GLY B 9 -19.31 -23.59 -12.86
N LYS B 10 -19.05 -23.50 -14.16
CA LYS B 10 -18.23 -24.44 -14.78
C LYS B 10 -17.53 -23.75 -15.98
N TYR B 11 -16.21 -23.94 -16.07
CA TYR B 11 -15.38 -23.52 -17.24
C TYR B 11 -14.78 -24.76 -17.83
N ILE B 12 -14.99 -24.95 -19.15
CA ILE B 12 -14.56 -26.13 -19.84
C ILE B 12 -13.74 -25.69 -21.05
N GLN B 13 -12.62 -26.36 -21.29
CA GLN B 13 -11.72 -25.95 -22.34
C GLN B 13 -11.06 -27.12 -22.93
N GLY B 14 -11.03 -27.13 -24.27
CA GLY B 14 -10.17 -28.05 -24.98
C GLY B 14 -10.55 -28.13 -26.47
N ALA B 15 -9.75 -28.87 -27.17
CA ALA B 15 -9.84 -28.94 -28.61
C ALA B 15 -11.10 -29.74 -28.92
N ASN B 16 -11.94 -29.24 -29.81
CA ASN B 16 -13.22 -29.91 -30.09
C ASN B 16 -14.16 -30.03 -28.92
N ALA B 17 -14.02 -29.11 -27.95
CA ALA B 17 -14.97 -29.02 -26.84
C ALA B 17 -16.37 -28.77 -27.33
N LEU B 18 -16.54 -28.14 -28.51
CA LEU B 18 -17.91 -27.93 -29.04
C LEU B 18 -18.70 -29.23 -29.24
N ALA B 19 -18.03 -30.29 -29.61
CA ALA B 19 -18.64 -31.59 -29.82
C ALA B 19 -19.03 -32.31 -28.53
N ALA B 20 -18.63 -31.79 -27.37
CA ALA B 20 -18.99 -32.38 -26.06
C ALA B 20 -19.96 -31.51 -25.31
N VAL B 21 -20.45 -30.41 -25.90
CA VAL B 21 -21.28 -29.48 -25.16
C VAL B 21 -22.56 -30.08 -24.61
N GLY B 22 -23.19 -30.99 -25.35
CA GLY B 22 -24.51 -31.53 -24.96
C GLY B 22 -24.55 -32.18 -23.57
N GLN B 23 -23.52 -32.93 -23.28
CA GLN B 23 -23.32 -33.54 -21.95
C GLN B 23 -23.31 -32.56 -20.76
N TYR B 24 -22.81 -31.34 -20.94
CA TYR B 24 -22.78 -30.36 -19.86
C TYR B 24 -24.00 -29.50 -19.87
N ALA B 25 -24.46 -29.15 -21.06
CA ALA B 25 -25.63 -28.31 -21.18
C ALA B 25 -26.90 -29.03 -20.68
N LYS B 26 -26.94 -30.31 -20.96
CA LYS B 26 -28.02 -31.22 -20.49
C LYS B 26 -28.24 -31.13 -18.96
N SER B 27 -27.14 -30.98 -18.19
CA SER B 27 -27.24 -30.94 -16.73
C SER B 27 -27.99 -29.68 -16.30
N LEU B 28 -27.99 -28.62 -17.11
CA LEU B 28 -28.71 -27.39 -16.78
C LEU B 28 -30.12 -27.26 -17.34
N ALA B 29 -30.37 -27.81 -18.52
CA ALA B 29 -31.70 -27.69 -19.13
C ALA B 29 -31.80 -28.61 -20.31
N ASP B 30 -33.03 -28.88 -20.72
CA ASP B 30 -33.27 -29.83 -21.81
C ASP B 30 -33.77 -29.14 -23.08
N HIS B 31 -33.67 -27.83 -23.12
CA HIS B 31 -34.22 -27.08 -24.25
C HIS B 31 -33.58 -25.72 -24.32
N TYR B 32 -32.78 -25.43 -25.35
CA TYR B 32 -32.13 -24.11 -25.44
C TYR B 32 -32.50 -23.30 -26.67
N LEU B 33 -32.50 -22.00 -26.49
CA LEU B 33 -32.41 -21.03 -27.55
C LEU B 33 -30.94 -20.82 -27.87
N VAL B 34 -30.54 -20.96 -29.14
CA VAL B 34 -29.12 -20.76 -29.52
C VAL B 34 -29.04 -19.51 -30.32
N ILE B 35 -28.25 -18.56 -29.81
CA ILE B 35 -28.03 -17.30 -30.41
C ILE B 35 -26.64 -17.27 -31.07
N ALA B 36 -26.66 -17.04 -32.38
CA ALA B 36 -25.41 -16.97 -33.11
C ALA B 36 -25.61 -16.28 -34.46
N ASP B 37 -24.61 -15.56 -34.96
CA ASP B 37 -24.71 -14.97 -36.32
C ASP B 37 -24.57 -16.04 -37.39
N ASP B 38 -24.74 -15.67 -38.66
CA ASP B 38 -24.80 -16.69 -39.70
C ASP B 38 -23.44 -17.28 -39.97
N PHE B 39 -22.40 -16.48 -39.82
CA PHE B 39 -21.08 -17.02 -40.06
C PHE B 39 -20.67 -18.05 -38.98
N VAL B 40 -20.96 -17.72 -37.73
CA VAL B 40 -20.71 -18.64 -36.61
C VAL B 40 -21.60 -19.87 -36.72
N MET B 41 -22.86 -19.68 -37.10
CA MET B 41 -23.74 -20.87 -37.35
C MET B 41 -23.19 -21.78 -38.39
N LYS B 42 -22.61 -21.20 -39.44
CA LYS B 42 -21.98 -22.01 -40.46
C LYS B 42 -20.75 -22.81 -39.94
N LEU B 43 -19.88 -22.18 -39.17
CA LEU B 43 -18.72 -22.85 -38.62
C LEU B 43 -19.12 -23.91 -37.55
N ALA B 44 -20.01 -23.51 -36.63
CA ALA B 44 -20.19 -24.22 -35.36
C ALA B 44 -21.51 -24.99 -35.23
N GLY B 45 -22.48 -24.67 -36.08
CA GLY B 45 -23.86 -25.09 -35.86
C GLY B 45 -24.09 -26.55 -35.99
N ASP B 46 -23.57 -27.21 -37.03
CA ASP B 46 -23.80 -28.64 -37.08
C ASP B 46 -23.13 -29.37 -35.89
N THR B 47 -21.90 -28.99 -35.54
CA THR B 47 -21.20 -29.61 -34.43
C THR B 47 -22.04 -29.42 -33.16
N LEU B 48 -22.45 -28.23 -32.89
CA LEU B 48 -23.16 -27.98 -31.68
C LEU B 48 -24.52 -28.68 -31.67
N MET B 49 -25.32 -28.50 -32.73
CA MET B 49 -26.66 -29.05 -32.76
C MET B 49 -26.60 -30.57 -32.71
N GLY B 50 -25.60 -31.17 -33.34
CA GLY B 50 -25.40 -32.59 -33.26
C GLY B 50 -25.06 -33.09 -31.85
N SER B 51 -24.33 -32.28 -31.08
CA SER B 51 -24.03 -32.63 -29.68
C SER B 51 -25.29 -32.58 -28.81
N LEU B 52 -26.09 -31.53 -28.99
CA LEU B 52 -27.30 -31.30 -28.25
C LEU B 52 -28.29 -32.47 -28.50
N GLN B 53 -28.41 -32.88 -29.76
CA GLN B 53 -29.30 -33.99 -30.13
C GLN B 53 -28.86 -35.28 -29.50
N GLN B 54 -27.56 -35.56 -29.52
CA GLN B 54 -27.05 -36.77 -28.92
C GLN B 54 -27.37 -36.94 -27.45
N HIS B 55 -27.61 -35.84 -26.73
CA HIS B 55 -27.87 -35.93 -25.29
C HIS B 55 -29.29 -35.55 -24.98
N GLY B 56 -30.17 -35.58 -25.99
CA GLY B 56 -31.59 -35.37 -25.76
C GLY B 56 -31.89 -33.94 -25.39
N VAL B 57 -31.16 -33.00 -25.96
CA VAL B 57 -31.45 -31.61 -25.68
C VAL B 57 -32.10 -30.96 -26.86
N LYS B 58 -33.26 -30.36 -26.62
CA LYS B 58 -34.00 -29.64 -27.65
C LYS B 58 -33.33 -28.32 -27.93
N HIS B 59 -33.43 -27.83 -29.16
CA HIS B 59 -32.80 -26.57 -29.53
C HIS B 59 -33.50 -25.85 -30.65
N HIS B 60 -33.49 -24.53 -30.55
CA HIS B 60 -34.09 -23.68 -31.55
C HIS B 60 -33.01 -22.63 -31.81
N ALA B 61 -32.63 -22.41 -33.06
CA ALA B 61 -31.61 -21.41 -33.41
C ALA B 61 -32.27 -20.09 -33.80
N ALA B 62 -31.78 -18.96 -33.32
CA ALA B 62 -32.39 -17.70 -33.68
C ALA B 62 -31.50 -16.92 -34.65
N LEU B 63 -32.16 -16.25 -35.59
CA LEU B 63 -31.52 -15.34 -36.54
C LEU B 63 -30.94 -14.20 -35.71
N PHE B 64 -29.63 -14.10 -35.66
CA PHE B 64 -29.00 -13.01 -34.95
C PHE B 64 -28.08 -12.19 -35.89
N ASN B 65 -28.04 -10.87 -35.68
CA ASN B 65 -27.29 -9.94 -36.51
C ASN B 65 -26.42 -9.07 -35.58
N GLY B 66 -25.27 -8.61 -36.07
CA GLY B 66 -24.35 -7.78 -35.27
C GLY B 66 -25.00 -6.66 -34.48
N CYS B 69 -28.26 -3.68 -28.48
CA CYS B 69 -29.44 -2.87 -28.30
C CYS B 69 -30.42 -3.63 -27.41
N HIS B 70 -30.98 -2.95 -26.40
CA HIS B 70 -31.95 -3.59 -25.49
C HIS B 70 -33.13 -4.20 -26.28
N LYS B 71 -33.20 -3.92 -27.59
CA LYS B 71 -34.35 -4.28 -28.42
C LYS B 71 -34.15 -5.57 -29.24
N GLU B 72 -32.92 -5.88 -29.67
CA GLU B 72 -32.58 -7.25 -30.14
C GLU B 72 -32.66 -8.24 -28.97
N ILE B 73 -32.39 -7.73 -27.78
CA ILE B 73 -32.56 -8.46 -26.54
C ILE B 73 -34.05 -8.70 -26.30
N ASP B 74 -34.89 -7.69 -26.47
CA ASP B 74 -36.34 -7.90 -26.21
C ASP B 74 -36.89 -8.88 -27.24
N ARG B 75 -36.64 -8.59 -28.50
CA ARG B 75 -37.06 -9.50 -29.59
C ARG B 75 -36.65 -10.96 -29.36
N LEU B 76 -35.43 -11.20 -28.88
CA LEU B 76 -34.98 -12.58 -28.64
C LEU B 76 -35.64 -13.11 -27.34
N GLY B 77 -35.91 -12.20 -26.40
CA GLY B 77 -36.71 -12.49 -25.23
C GLY B 77 -38.08 -13.07 -25.61
N ARG B 78 -38.82 -12.36 -26.48
CA ARG B 78 -40.16 -12.88 -26.89
C ARG B 78 -40.06 -14.21 -27.63
N GLU B 79 -39.10 -14.34 -28.55
CA GLU B 79 -38.95 -15.60 -29.29
C GLU B 79 -38.67 -16.81 -28.39
N LEU B 80 -37.94 -16.55 -27.31
CA LEU B 80 -37.65 -17.55 -26.32
C LEU B 80 -38.96 -18.07 -25.68
N LYS B 81 -39.77 -17.14 -25.15
CA LYS B 81 -41.09 -17.50 -24.56
C LYS B 81 -41.96 -18.24 -25.56
N ALA B 82 -42.09 -17.67 -26.75
CA ALA B 82 -42.83 -18.32 -27.84
C ALA B 82 -42.48 -19.79 -27.95
N HIS B 83 -41.21 -20.17 -28.03
CA HIS B 83 -40.88 -21.64 -28.17
C HIS B 83 -40.76 -22.37 -26.84
N GLY B 84 -40.93 -21.63 -25.73
CA GLY B 84 -40.87 -22.20 -24.36
C GLY B 84 -39.47 -22.64 -23.92
N CYS B 85 -38.43 -21.89 -24.31
CA CYS B 85 -37.07 -22.42 -24.08
C CYS B 85 -36.70 -22.32 -22.61
N ARG B 86 -35.86 -23.25 -22.15
CA ARG B 86 -35.47 -23.34 -20.72
C ARG B 86 -33.99 -22.87 -20.44
N GLY B 87 -33.34 -22.26 -21.44
CA GLY B 87 -31.88 -22.08 -21.47
C GLY B 87 -31.44 -21.22 -22.66
N VAL B 88 -30.31 -20.56 -22.53
CA VAL B 88 -29.71 -19.77 -23.64
C VAL B 88 -28.29 -20.25 -23.87
N ILE B 89 -27.93 -20.48 -25.15
CA ILE B 89 -26.54 -20.64 -25.57
C ILE B 89 -26.16 -19.46 -26.49
N GLY B 90 -25.11 -18.70 -26.13
CA GLY B 90 -24.52 -17.72 -27.03
C GLY B 90 -23.29 -18.29 -27.67
N VAL B 91 -23.12 -18.15 -28.98
CA VAL B 91 -21.93 -18.68 -29.65
C VAL B 91 -21.35 -17.58 -30.51
N GLY B 92 -20.10 -17.21 -30.30
CA GLY B 92 -19.49 -16.22 -31.18
C GLY B 92 -18.67 -15.22 -30.43
N GLY B 93 -18.59 -13.98 -30.94
CA GLY B 93 -17.80 -12.90 -30.37
C GLY B 93 -18.58 -12.17 -29.31
N GLY B 94 -17.99 -11.12 -28.81
CA GLY B 94 -18.49 -10.43 -27.64
C GLY B 94 -19.91 -9.93 -27.70
N LYS B 95 -20.31 -9.28 -28.79
CA LYS B 95 -21.68 -8.81 -28.87
C LYS B 95 -22.71 -9.90 -28.71
N THR B 96 -22.45 -11.05 -29.30
CA THR B 96 -23.34 -12.18 -29.18
C THR B 96 -23.39 -12.64 -27.72
N LEU B 97 -22.22 -12.76 -27.08
CA LEU B 97 -22.15 -13.35 -25.73
C LEU B 97 -22.86 -12.36 -24.82
N ASP B 98 -22.66 -11.06 -25.04
CA ASP B 98 -23.34 -10.05 -24.24
C ASP B 98 -24.85 -10.09 -24.38
N THR B 99 -25.32 -10.37 -25.59
CA THR B 99 -26.73 -10.43 -25.84
C THR B 99 -27.24 -11.67 -25.17
N ALA B 100 -26.50 -12.80 -25.22
CA ALA B 100 -26.94 -14.03 -24.56
C ALA B 100 -27.06 -13.90 -23.06
N LYS B 101 -26.13 -13.17 -22.45
CA LYS B 101 -26.19 -12.90 -20.99
C LYS B 101 -27.39 -12.03 -20.66
N ALA B 102 -27.63 -11.02 -21.48
CA ALA B 102 -28.77 -10.14 -21.21
C ALA B 102 -30.07 -10.94 -21.30
N ILE B 103 -30.20 -11.78 -22.32
CA ILE B 103 -31.48 -12.49 -22.50
C ILE B 103 -31.72 -13.42 -21.35
N ALA B 104 -30.70 -14.21 -21.03
CA ALA B 104 -30.76 -15.14 -19.94
C ALA B 104 -31.15 -14.43 -18.62
N HIS B 105 -30.53 -13.29 -18.37
CA HIS B 105 -30.84 -12.52 -17.19
C HIS B 105 -32.31 -12.09 -17.18
N TYR B 106 -32.78 -11.42 -18.24
CA TYR B 106 -34.16 -10.90 -18.22
C TYR B 106 -35.20 -12.00 -18.16
N GLN B 107 -34.89 -13.16 -18.72
CA GLN B 107 -35.78 -14.33 -18.63
C GLN B 107 -35.50 -15.26 -17.42
N GLN B 108 -34.47 -14.98 -16.64
CA GLN B 108 -34.09 -15.84 -15.50
C GLN B 108 -33.85 -17.29 -15.87
N LEU B 109 -32.99 -17.52 -16.85
CA LEU B 109 -32.65 -18.87 -17.26
C LEU B 109 -31.15 -19.10 -17.26
N PRO B 110 -30.72 -20.36 -17.21
CA PRO B 110 -29.33 -20.59 -17.26
C PRO B 110 -28.75 -20.23 -18.66
N VAL B 111 -27.48 -19.88 -18.65
CA VAL B 111 -26.78 -19.45 -19.88
C VAL B 111 -25.47 -20.18 -20.00
N VAL B 112 -25.18 -20.64 -21.22
CA VAL B 112 -23.98 -21.31 -21.60
C VAL B 112 -23.34 -20.41 -22.69
N LEU B 113 -22.09 -20.01 -22.48
CA LEU B 113 -21.36 -19.17 -23.43
C LEU B 113 -20.28 -19.89 -24.13
N ILE B 114 -20.20 -19.70 -25.45
CA ILE B 114 -19.24 -20.45 -26.23
C ILE B 114 -18.52 -19.44 -27.15
N PRO B 115 -17.45 -18.86 -26.65
CA PRO B 115 -16.64 -17.91 -27.41
C PRO B 115 -15.86 -18.61 -28.55
N THR B 116 -15.92 -18.03 -29.74
CA THR B 116 -15.21 -18.54 -30.92
C THR B 116 -13.87 -17.77 -31.15
N ILE B 117 -13.67 -16.74 -30.34
CA ILE B 117 -12.41 -16.01 -30.25
C ILE B 117 -11.97 -15.82 -28.76
N ALA B 118 -10.67 -15.61 -28.51
CA ALA B 118 -10.22 -15.39 -27.12
C ALA B 118 -9.61 -14.04 -27.00
N SER B 119 -10.43 -13.01 -27.19
CA SER B 119 -9.96 -11.64 -27.36
C SER B 119 -10.21 -10.68 -26.20
N THR B 120 -11.04 -11.04 -25.22
CA THR B 120 -11.21 -10.26 -23.99
C THR B 120 -11.48 -11.25 -22.85
N ASP B 121 -11.43 -10.73 -21.62
CA ASP B 121 -11.74 -11.56 -20.43
C ASP B 121 -13.21 -11.49 -19.98
N ALA B 122 -14.06 -10.89 -20.84
CA ALA B 122 -15.48 -10.66 -20.51
C ALA B 122 -16.33 -11.90 -20.22
N PRO B 123 -16.06 -13.05 -20.90
CA PRO B 123 -17.08 -14.13 -20.91
C PRO B 123 -17.43 -14.75 -19.56
N THR B 124 -16.44 -14.88 -18.67
CA THR B 124 -16.74 -15.51 -17.35
C THR B 124 -17.48 -14.59 -16.44
N SER B 125 -17.56 -13.33 -16.76
CA SER B 125 -17.95 -12.31 -15.82
C SER B 125 -19.45 -12.05 -15.80
N ALA B 126 -19.91 -11.45 -14.72
CA ALA B 126 -21.32 -11.03 -14.55
C ALA B 126 -21.51 -9.55 -15.00
N LEU B 127 -20.88 -9.17 -16.10
CA LEU B 127 -20.63 -7.77 -16.43
C LEU B 127 -20.75 -7.64 -17.92
N SER B 128 -21.33 -6.55 -18.37
CA SER B 128 -21.19 -6.18 -19.78
C SER B 128 -20.83 -4.73 -19.79
N VAL B 129 -19.95 -4.36 -20.72
CA VAL B 129 -19.55 -2.97 -20.88
C VAL B 129 -20.42 -2.33 -21.93
N ILE B 130 -21.06 -1.22 -21.58
CA ILE B 130 -21.94 -0.51 -22.49
C ILE B 130 -21.19 0.70 -23.06
N TYR B 131 -21.36 0.94 -24.37
CA TYR B 131 -20.77 2.04 -25.08
C TYR B 131 -21.88 2.91 -25.73
N THR B 132 -21.67 4.20 -25.93
CA THR B 132 -22.61 5.01 -26.72
C THR B 132 -22.57 4.61 -28.18
N GLU B 133 -23.40 5.29 -28.97
CA GLU B 133 -23.48 5.07 -30.41
C GLU B 133 -22.15 5.47 -31.09
N GLN B 134 -21.53 6.51 -30.57
CA GLN B 134 -20.24 7.00 -31.08
C GLN B 134 -19.03 6.22 -30.54
N GLY B 135 -19.24 5.09 -29.87
CA GLY B 135 -18.12 4.23 -29.42
C GLY B 135 -17.47 4.61 -28.07
N GLU B 136 -18.01 5.61 -27.38
CA GLU B 136 -17.46 6.09 -26.12
C GLU B 136 -17.93 5.21 -24.96
N PHE B 137 -17.01 4.95 -24.00
CA PHE B 137 -17.37 4.13 -22.84
C PHE B 137 -18.55 4.81 -22.19
N ALA B 138 -19.59 4.06 -21.87
CA ALA B 138 -20.74 4.59 -21.11
C ALA B 138 -20.79 4.11 -19.66
N GLU B 139 -20.92 2.81 -19.47
CA GLU B 139 -20.99 2.26 -18.11
C GLU B 139 -20.69 0.79 -18.07
N TYR B 140 -20.37 0.32 -16.87
CA TYR B 140 -20.28 -1.11 -16.59
C TYR B 140 -21.68 -1.56 -16.12
N LEU B 141 -22.28 -2.51 -16.80
CA LEU B 141 -23.62 -3.01 -16.40
C LEU B 141 -23.37 -4.33 -15.63
N ILE B 142 -23.73 -4.42 -14.34
CA ILE B 142 -23.44 -5.61 -13.53
C ILE B 142 -24.68 -6.49 -13.41
N TYR B 143 -24.57 -7.76 -13.76
CA TYR B 143 -25.65 -8.64 -13.60
C TYR B 143 -25.52 -9.29 -12.23
N PRO B 144 -26.64 -9.79 -11.67
CA PRO B 144 -26.57 -10.46 -10.37
C PRO B 144 -25.90 -11.85 -10.40
N ARG B 145 -25.80 -12.52 -11.56
CA ARG B 145 -25.18 -13.83 -11.64
C ARG B 145 -24.05 -13.88 -12.66
N ASN B 146 -23.07 -14.75 -12.43
CA ASN B 146 -22.13 -15.10 -13.52
C ASN B 146 -22.80 -16.11 -14.45
N PRO B 147 -22.27 -16.28 -15.68
CA PRO B 147 -22.78 -17.36 -16.53
C PRO B 147 -22.64 -18.69 -15.89
N ASP B 148 -23.56 -19.55 -16.20
CA ASP B 148 -23.52 -20.89 -15.64
C ASP B 148 -22.37 -21.67 -16.17
N MET B 149 -22.05 -21.47 -17.45
CA MET B 149 -21.04 -22.30 -18.05
C MET B 149 -20.33 -21.56 -19.19
N VAL B 150 -19.03 -21.77 -19.29
CA VAL B 150 -18.25 -21.20 -20.39
C VAL B 150 -17.50 -22.32 -21.01
N VAL B 151 -17.62 -22.41 -22.34
CA VAL B 151 -16.99 -23.50 -23.05
C VAL B 151 -16.07 -22.90 -24.12
N MET B 152 -14.79 -23.25 -24.07
CA MET B 152 -13.79 -22.74 -24.97
C MET B 152 -13.25 -23.84 -25.81
N ASP B 153 -13.59 -23.81 -27.11
CA ASP B 153 -13.09 -24.82 -28.01
C ASP B 153 -11.78 -24.31 -28.58
N VAL B 154 -10.67 -24.90 -28.19
CA VAL B 154 -9.37 -24.38 -28.56
C VAL B 154 -9.04 -24.48 -30.08
N ALA B 155 -9.60 -25.46 -30.75
CA ALA B 155 -9.38 -25.69 -32.20
C ALA B 155 -10.03 -24.57 -32.97
N ILE B 156 -11.21 -24.17 -32.58
CA ILE B 156 -11.88 -23.04 -33.21
C ILE B 156 -11.13 -21.75 -32.95
N ILE B 157 -10.75 -21.53 -31.70
CA ILE B 157 -10.00 -20.33 -31.34
C ILE B 157 -8.67 -20.20 -32.04
N ALA B 158 -7.94 -21.29 -32.20
CA ALA B 158 -6.63 -21.22 -32.78
C ALA B 158 -6.71 -20.97 -34.31
N LYS B 159 -7.89 -21.15 -34.89
CA LYS B 159 -8.13 -20.85 -36.33
C LYS B 159 -8.62 -19.43 -36.52
N ALA B 160 -8.98 -18.72 -35.48
CA ALA B 160 -9.35 -17.33 -35.62
C ALA B 160 -8.08 -16.48 -35.88
N PRO B 161 -8.26 -15.30 -36.47
CA PRO B 161 -7.10 -14.41 -36.77
C PRO B 161 -6.23 -14.20 -35.52
N VAL B 162 -4.92 -14.35 -35.69
CA VAL B 162 -3.97 -14.21 -34.58
C VAL B 162 -4.06 -12.87 -33.91
N ARG B 163 -4.37 -11.84 -34.67
CA ARG B 163 -4.53 -10.54 -34.09
C ARG B 163 -5.57 -10.52 -32.91
N LEU B 164 -6.58 -11.38 -32.96
CA LEU B 164 -7.53 -11.46 -31.89
C LEU B 164 -6.96 -12.20 -30.62
N LEU B 165 -6.16 -13.24 -30.81
CA LEU B 165 -5.46 -13.84 -29.65
C LEU B 165 -4.55 -12.76 -28.97
N VAL B 166 -3.82 -12.00 -29.76
CA VAL B 166 -2.97 -10.92 -29.28
C VAL B 166 -3.72 -9.85 -28.51
N ALA B 167 -4.88 -9.45 -29.04
CA ALA B 167 -5.72 -8.52 -28.33
C ALA B 167 -6.14 -9.11 -26.96
N GLY B 168 -6.53 -10.38 -26.92
CA GLY B 168 -6.95 -11.01 -25.66
C GLY B 168 -5.74 -10.96 -24.68
N MET B 169 -4.51 -11.11 -25.19
CA MET B 169 -3.33 -11.05 -24.32
C MET B 169 -3.08 -9.67 -23.80
N GLY B 170 -3.45 -8.63 -24.57
CA GLY B 170 -3.36 -7.29 -24.12
C GLY B 170 -4.34 -6.99 -23.04
N ASP B 171 -5.52 -7.58 -23.13
CA ASP B 171 -6.51 -7.38 -22.06
C ASP B 171 -6.00 -8.10 -20.78
N ALA B 172 -5.55 -9.33 -20.97
CA ALA B 172 -5.04 -10.13 -19.87
C ALA B 172 -3.77 -9.54 -19.24
N LEU B 173 -2.93 -8.84 -20.01
CA LEU B 173 -1.75 -8.14 -19.46
C LEU B 173 -2.02 -7.17 -18.29
N SER B 174 -3.16 -6.52 -18.32
CA SER B 174 -3.49 -5.56 -17.30
C SER B 174 -3.88 -6.22 -15.96
N THR B 175 -4.28 -7.47 -16.00
CA THR B 175 -4.99 -8.07 -14.86
C THR B 175 -4.16 -8.08 -13.57
N TYR B 176 -2.91 -8.51 -13.63
CA TYR B 176 -2.06 -8.57 -12.41
C TYR B 176 -1.82 -7.17 -11.81
N PHE B 177 -1.45 -6.24 -12.68
CA PHE B 177 -1.18 -4.93 -12.30
C PHE B 177 -2.36 -4.25 -11.68
N GLU B 178 -3.52 -4.46 -12.26
CA GLU B 178 -4.72 -3.82 -11.72
C GLU B 178 -5.16 -4.47 -10.38
N ALA B 179 -5.13 -5.79 -10.35
CA ALA B 179 -5.49 -6.50 -9.15
C ALA B 179 -4.53 -6.16 -7.99
N GLN B 180 -3.23 -6.10 -8.24
CA GLN B 180 -2.22 -5.81 -7.16
C GLN B 180 -2.41 -4.41 -6.64
N ALA B 181 -2.68 -3.45 -7.53
CA ALA B 181 -3.00 -2.05 -7.10
C ALA B 181 -4.25 -1.96 -6.20
N CYS B 182 -5.32 -2.64 -6.58
CA CYS B 182 -6.54 -2.71 -5.79
C CYS B 182 -6.26 -3.38 -4.43
N PHE B 183 -5.53 -4.46 -4.49
CA PHE B 183 -5.18 -5.19 -3.28
C PHE B 183 -4.45 -4.26 -2.33
N ASP B 184 -3.43 -3.57 -2.81
CA ASP B 184 -2.67 -2.61 -2.05
C ASP B 184 -3.53 -1.48 -1.49
N ALA B 185 -4.53 -1.07 -2.24
CA ALA B 185 -5.42 -0.03 -1.85
C ALA B 185 -6.58 -0.50 -0.97
N GLN B 186 -6.74 -1.80 -0.82
CA GLN B 186 -7.89 -2.35 -0.15
C GLN B 186 -9.16 -1.89 -0.84
N ALA B 187 -9.17 -1.93 -2.15
CA ALA B 187 -10.34 -1.53 -2.91
C ALA B 187 -11.36 -2.64 -3.02
N THR B 188 -12.60 -2.27 -3.20
CA THR B 188 -13.68 -3.22 -3.38
C THR B 188 -13.79 -3.67 -4.83
N SER B 189 -13.89 -4.96 -5.09
CA SER B 189 -13.90 -5.44 -6.45
C SER B 189 -15.35 -5.32 -7.02
N MET B 190 -15.61 -5.73 -8.27
CA MET B 190 -17.01 -5.82 -8.73
C MET B 190 -17.75 -6.96 -8.12
N ALA B 191 -17.02 -7.92 -7.56
CA ALA B 191 -17.70 -8.96 -6.86
C ALA B 191 -18.26 -8.43 -5.54
N GLY B 192 -17.84 -7.25 -5.09
CA GLY B 192 -18.46 -6.56 -3.98
C GLY B 192 -17.73 -6.66 -2.63
N GLY B 193 -16.55 -7.26 -2.56
CA GLY B 193 -15.80 -7.21 -1.32
C GLY B 193 -14.37 -6.82 -1.60
N LYS B 194 -13.52 -7.02 -0.62
CA LYS B 194 -12.10 -7.05 -0.72
C LYS B 194 -11.69 -8.32 -1.55
N SER B 195 -10.52 -8.30 -2.17
CA SER B 195 -10.04 -9.50 -2.87
C SER B 195 -9.66 -10.63 -1.91
N THR B 196 -10.05 -11.84 -2.27
CA THR B 196 -9.46 -13.02 -1.72
C THR B 196 -8.01 -13.17 -2.18
N LEU B 197 -7.31 -14.08 -1.51
CA LEU B 197 -5.98 -14.53 -1.96
C LEU B 197 -6.13 -15.21 -3.31
N ALA B 198 -7.22 -15.94 -3.47
CA ALA B 198 -7.41 -16.75 -4.65
C ALA B 198 -7.41 -15.85 -5.93
N ALA B 199 -8.20 -14.77 -5.90
CA ALA B 199 -8.38 -13.93 -7.09
C ALA B 199 -7.09 -13.25 -7.42
N LEU B 200 -6.43 -12.63 -6.43
CA LEU B 200 -5.15 -12.02 -6.65
C LEU B 200 -4.15 -13.01 -7.22
N SER B 201 -4.16 -14.23 -6.72
CA SER B 201 -3.18 -15.19 -7.18
C SER B 201 -3.44 -15.62 -8.66
N LEU B 202 -4.69 -15.76 -9.06
CA LEU B 202 -5.03 -16.08 -10.47
C LEU B 202 -4.63 -14.90 -11.35
N ALA B 203 -4.81 -13.68 -10.84
CA ALA B 203 -4.33 -12.52 -11.59
C ALA B 203 -2.84 -12.56 -11.86
N ARG B 204 -2.04 -13.00 -10.87
CA ARG B 204 -0.66 -13.08 -11.02
C ARG B 204 -0.25 -14.20 -11.94
N LEU B 205 -0.97 -15.32 -11.84
CA LEU B 205 -0.73 -16.48 -12.68
C LEU B 205 -0.99 -16.13 -14.19
N CYS B 206 -2.04 -15.34 -14.38
CA CYS B 206 -2.33 -14.70 -15.65
C CYS B 206 -1.10 -14.03 -16.25
N TYR B 207 -0.47 -13.13 -15.53
CA TYR B 207 0.75 -12.42 -15.99
C TYR B 207 1.91 -13.33 -16.23
N ASP B 208 2.19 -14.21 -15.27
CA ASP B 208 3.25 -15.19 -15.44
C ASP B 208 3.02 -16.12 -16.66
N THR B 209 1.78 -16.53 -16.89
CA THR B 209 1.50 -17.36 -18.02
C THR B 209 1.75 -16.63 -19.36
N LEU B 210 1.40 -15.38 -19.41
CA LEU B 210 1.58 -14.58 -20.62
C LEU B 210 3.06 -14.49 -20.98
N LEU B 211 3.89 -14.20 -19.96
CA LEU B 211 5.31 -14.13 -20.14
C LEU B 211 5.89 -15.43 -20.52
N ALA B 212 5.41 -16.54 -19.98
CA ALA B 212 5.95 -17.87 -20.33
C ALA B 212 5.45 -18.38 -21.70
N GLU B 213 4.19 -18.11 -22.05
CA GLU B 213 3.52 -18.84 -23.15
C GLU B 213 3.08 -17.99 -24.34
N GLY B 214 3.15 -16.67 -24.20
CA GLY B 214 2.54 -15.70 -25.12
C GLY B 214 3.07 -15.91 -26.56
N VAL B 215 4.38 -15.89 -26.67
CA VAL B 215 5.08 -16.03 -27.98
C VAL B 215 4.91 -17.39 -28.60
N LYS B 216 5.13 -18.44 -27.82
CA LYS B 216 4.86 -19.74 -28.22
C LYS B 216 3.41 -19.97 -28.70
N ALA B 217 2.42 -19.44 -27.99
CA ALA B 217 1.07 -19.56 -28.41
C ALA B 217 0.80 -18.78 -29.75
N LYS B 218 1.36 -17.58 -29.84
CA LYS B 218 1.15 -16.72 -31.01
C LYS B 218 1.67 -17.46 -32.27
N LEU B 219 2.86 -18.04 -32.14
CA LEU B 219 3.44 -18.81 -33.25
C LEU B 219 2.60 -20.03 -33.63
N ALA B 220 2.00 -20.74 -32.65
CA ALA B 220 1.11 -21.82 -32.97
C ALA B 220 -0.16 -21.31 -33.69
N VAL B 221 -0.72 -20.24 -33.20
CA VAL B 221 -1.97 -19.73 -33.76
C VAL B 221 -1.73 -19.13 -35.19
N GLU B 222 -0.54 -18.61 -35.41
CA GLU B 222 -0.17 -18.18 -36.77
C GLU B 222 -0.25 -19.37 -37.74
N ALA B 223 0.00 -20.59 -37.29
CA ALA B 223 -0.11 -21.77 -38.17
C ALA B 223 -1.44 -22.42 -38.06
N GLY B 224 -2.32 -21.87 -37.25
CA GLY B 224 -3.69 -22.36 -37.13
C GLY B 224 -3.89 -23.59 -36.26
N VAL B 225 -2.93 -23.87 -35.34
CA VAL B 225 -2.90 -25.14 -34.61
C VAL B 225 -2.91 -24.92 -33.04
N VAL B 226 -3.20 -25.99 -32.34
CA VAL B 226 -3.31 -26.00 -30.87
C VAL B 226 -2.15 -26.79 -30.28
N THR B 227 -1.33 -26.07 -29.57
CA THR B 227 -0.36 -26.71 -28.72
C THR B 227 -0.75 -26.43 -27.24
N GLU B 228 0.01 -27.03 -26.31
CA GLU B 228 -0.22 -26.75 -24.87
C GLU B 228 -0.06 -25.25 -24.56
N ALA B 229 0.92 -24.57 -25.16
CA ALA B 229 0.99 -23.10 -24.97
C ALA B 229 -0.26 -22.31 -25.34
N VAL B 230 -0.91 -22.73 -26.44
CA VAL B 230 -2.16 -22.12 -26.81
C VAL B 230 -3.24 -22.40 -25.72
N GLU B 231 -3.36 -23.62 -25.26
CA GLU B 231 -4.35 -23.92 -24.22
C GLU B 231 -4.11 -23.03 -22.96
N ARG B 232 -2.81 -22.81 -22.65
CA ARG B 232 -2.50 -22.04 -21.45
C ARG B 232 -2.86 -20.58 -21.64
N ILE B 233 -2.63 -20.02 -22.85
CA ILE B 233 -2.98 -18.64 -23.08
C ILE B 233 -4.49 -18.46 -23.16
N ILE B 234 -5.22 -19.44 -23.69
CA ILE B 234 -6.67 -19.29 -23.79
C ILE B 234 -7.19 -19.23 -22.31
N GLU B 235 -6.68 -20.13 -21.50
CA GLU B 235 -7.05 -20.15 -20.06
C GLU B 235 -6.69 -18.84 -19.44
N ALA B 236 -5.49 -18.34 -19.70
CA ALA B 236 -5.04 -17.06 -19.17
C ALA B 236 -5.97 -15.92 -19.60
N ASN B 237 -6.26 -15.92 -20.90
CA ASN B 237 -7.05 -14.84 -21.45
C ASN B 237 -8.45 -14.86 -20.99
N THR B 238 -8.96 -16.03 -20.55
CA THR B 238 -10.34 -16.14 -20.30
C THR B 238 -10.70 -16.42 -18.79
N TYR B 239 -10.33 -17.58 -18.26
CA TYR B 239 -10.59 -17.89 -16.82
C TYR B 239 -9.74 -17.02 -15.88
N LEU B 240 -8.43 -17.04 -16.06
CA LEU B 240 -7.53 -16.34 -15.10
C LEU B 240 -7.76 -14.85 -15.10
N SER B 241 -7.78 -14.30 -16.28
CA SER B 241 -8.06 -12.88 -16.40
C SER B 241 -9.45 -12.53 -15.93
N GLY B 242 -10.42 -13.35 -16.24
CA GLY B 242 -11.83 -13.01 -15.89
C GLY B 242 -12.05 -12.99 -14.36
N ILE B 243 -11.59 -14.03 -13.67
CA ILE B 243 -11.68 -14.09 -12.19
C ILE B 243 -10.87 -12.94 -11.58
N GLY B 244 -9.65 -12.76 -12.07
CA GLY B 244 -8.75 -11.70 -11.64
C GLY B 244 -9.35 -10.33 -11.69
N PHE B 245 -9.94 -9.96 -12.84
CA PHE B 245 -10.42 -8.63 -12.95
C PHE B 245 -11.72 -8.42 -12.13
N GLU B 246 -12.64 -9.37 -12.12
CA GLU B 246 -13.92 -9.17 -11.52
C GLU B 246 -13.89 -9.29 -9.95
N SER B 247 -13.14 -10.29 -9.50
CA SER B 247 -13.02 -10.63 -8.06
C SER B 247 -11.80 -10.03 -7.39
N SER B 248 -10.86 -9.44 -8.16
CA SER B 248 -9.67 -8.85 -7.53
C SER B 248 -9.65 -7.39 -7.74
N GLY B 249 -9.81 -6.92 -8.97
CA GLY B 249 -10.28 -5.54 -9.18
C GLY B 249 -9.71 -4.89 -10.45
N LEU B 250 -10.36 -3.82 -10.88
CA LEU B 250 -9.90 -2.97 -11.98
C LEU B 250 -9.31 -1.69 -11.39
N ALA B 251 -8.44 -1.05 -12.17
CA ALA B 251 -7.81 0.13 -11.74
C ALA B 251 -7.47 1.08 -12.85
N ALA B 252 -6.24 1.56 -12.94
CA ALA B 252 -5.93 2.63 -13.88
C ALA B 252 -5.92 2.15 -15.32
N ALA B 253 -5.39 0.97 -15.62
CA ALA B 253 -5.36 0.54 -17.04
C ALA B 253 -6.73 0.56 -17.72
N HIS B 254 -7.75 -0.04 -17.11
CA HIS B 254 -9.09 0.07 -17.71
C HIS B 254 -9.71 1.45 -17.74
N ALA B 255 -9.42 2.27 -16.73
CA ALA B 255 -9.92 3.59 -16.74
C ALA B 255 -9.28 4.40 -17.89
N ILE B 256 -8.00 4.16 -18.16
CA ILE B 256 -7.33 4.81 -19.26
C ILE B 256 -7.89 4.31 -20.62
N HIS B 257 -8.07 3.00 -20.79
CA HIS B 257 -8.78 2.49 -21.94
C HIS B 257 -10.08 3.30 -22.16
N ASN B 258 -10.88 3.47 -21.11
CA ASN B 258 -12.19 4.16 -21.24
C ASN B 258 -12.00 5.61 -21.66
N GLY B 259 -10.95 6.24 -21.13
CA GLY B 259 -10.58 7.55 -21.54
C GLY B 259 -10.29 7.69 -23.02
N PHE B 260 -9.49 6.74 -23.53
CA PHE B 260 -9.14 6.66 -24.97
C PHE B 260 -10.38 6.51 -25.91
N THR B 261 -11.45 5.97 -25.42
CA THR B 261 -12.68 5.89 -26.22
C THR B 261 -13.29 7.27 -26.56
N VAL B 262 -12.83 8.35 -25.92
CA VAL B 262 -13.29 9.69 -26.29
C VAL B 262 -12.55 10.26 -27.51
N LEU B 263 -11.53 9.59 -28.00
CA LEU B 263 -10.82 10.03 -29.21
C LEU B 263 -11.26 9.17 -30.41
N GLU B 264 -11.63 9.82 -31.52
CA GLU B 264 -12.00 9.07 -32.72
C GLU B 264 -10.84 8.28 -33.34
N GLU B 265 -9.64 8.82 -33.18
CA GLU B 265 -8.42 8.24 -33.72
C GLU B 265 -8.14 6.77 -33.35
N CYS B 266 -8.60 6.31 -32.17
CA CYS B 266 -8.33 4.91 -31.66
C CYS B 266 -9.45 3.89 -31.80
N HIS B 267 -10.54 4.26 -32.49
CA HIS B 267 -11.70 3.37 -32.54
C HIS B 267 -11.41 2.14 -33.39
N HIS B 268 -10.37 2.16 -34.18
CA HIS B 268 -10.02 1.01 -34.97
C HIS B 268 -9.18 -0.07 -34.20
N LEU B 269 -8.73 0.23 -32.98
CA LEU B 269 -8.00 -0.80 -32.19
C LEU B 269 -8.96 -1.66 -31.40
N TYR B 270 -8.62 -2.92 -31.18
CA TYR B 270 -9.37 -3.79 -30.25
C TYR B 270 -9.23 -3.32 -28.79
N HIS B 271 -10.26 -3.61 -28.01
CA HIS B 271 -10.27 -3.35 -26.55
C HIS B 271 -8.88 -3.69 -25.91
N GLY B 272 -8.39 -4.88 -26.17
CA GLY B 272 -7.17 -5.37 -25.53
C GLY B 272 -5.90 -4.68 -25.96
N GLU B 273 -5.87 -4.17 -27.20
CA GLU B 273 -4.75 -3.37 -27.66
C GLU B 273 -4.72 -2.08 -26.93
N LYS B 274 -5.87 -1.48 -26.69
CA LYS B 274 -5.81 -0.25 -25.93
C LYS B 274 -5.52 -0.44 -24.42
N VAL B 275 -6.09 -1.48 -23.82
CA VAL B 275 -5.77 -1.85 -22.42
C VAL B 275 -4.24 -2.09 -22.25
N ALA B 276 -3.59 -2.67 -23.24
CA ALA B 276 -2.16 -2.88 -23.15
C ALA B 276 -1.40 -1.57 -22.97
N PHE B 277 -1.75 -0.53 -23.74
CA PHE B 277 -1.05 0.74 -23.59
C PHE B 277 -1.49 1.37 -22.22
N GLY B 278 -2.77 1.24 -21.88
CA GLY B 278 -3.26 1.70 -20.61
C GLY B 278 -2.48 1.07 -19.42
N THR B 279 -2.00 -0.12 -19.65
CA THR B 279 -1.18 -0.85 -18.65
C THR B 279 0.18 -0.23 -18.52
N LEU B 280 0.75 0.05 -19.66
CA LEU B 280 1.97 0.80 -19.69
C LEU B 280 1.91 2.16 -19.02
N ALA B 281 0.83 2.91 -19.27
CA ALA B 281 0.59 4.19 -18.63
C ALA B 281 0.49 3.99 -17.09
N GLN B 282 -0.21 2.95 -16.70
CA GLN B 282 -0.34 2.65 -15.25
C GLN B 282 1.04 2.38 -14.60
N LEU B 283 1.93 1.69 -15.31
CA LEU B 283 3.27 1.43 -14.83
C LEU B 283 4.02 2.71 -14.56
N VAL B 284 3.79 3.72 -15.41
CA VAL B 284 4.35 5.02 -15.13
C VAL B 284 3.64 5.73 -13.98
N LEU B 285 2.31 5.68 -13.94
CA LEU B 285 1.58 6.34 -12.90
C LEU B 285 2.07 5.85 -11.48
N GLN B 286 2.27 4.54 -11.37
CA GLN B 286 2.65 3.93 -10.07
C GLN B 286 4.14 3.84 -9.86
N ASN B 287 4.89 4.37 -10.82
CA ASN B 287 6.33 4.45 -10.81
C ASN B 287 6.99 3.06 -10.70
N SER B 288 6.50 2.09 -11.45
CA SER B 288 7.21 0.81 -11.53
C SER B 288 8.67 0.97 -11.91
N PRO B 289 9.52 0.06 -11.47
CA PRO B 289 10.93 0.11 -11.79
C PRO B 289 11.16 -0.13 -13.28
N MET B 290 12.23 0.47 -13.82
CA MET B 290 12.56 0.39 -15.24
C MET B 290 12.62 -1.05 -15.74
N ALA B 291 13.14 -1.98 -14.92
CA ALA B 291 13.23 -3.36 -15.31
C ALA B 291 11.82 -3.91 -15.63
N GLN B 292 10.82 -3.55 -14.85
CA GLN B 292 9.50 -4.05 -15.09
C GLN B 292 8.87 -3.38 -16.32
N ILE B 293 9.13 -2.10 -16.50
CA ILE B 293 8.75 -1.41 -17.74
C ILE B 293 9.36 -2.11 -18.94
N GLU B 294 10.65 -2.38 -18.90
CA GLU B 294 11.32 -3.13 -19.98
C GLU B 294 10.73 -4.49 -20.29
N THR B 295 10.33 -5.22 -19.24
CA THR B 295 9.73 -6.51 -19.46
C THR B 295 8.38 -6.35 -20.21
N VAL B 296 7.59 -5.37 -19.84
CA VAL B 296 6.26 -5.24 -20.41
C VAL B 296 6.41 -4.69 -21.87
N LEU B 297 7.35 -3.78 -22.06
CA LEU B 297 7.64 -3.21 -23.42
C LEU B 297 8.11 -4.32 -24.38
N ALA B 298 8.98 -5.21 -23.90
CA ALA B 298 9.50 -6.28 -24.72
C ALA B 298 8.41 -7.31 -25.04
N PHE B 299 7.58 -7.64 -24.05
CA PHE B 299 6.47 -8.53 -24.28
C PHE B 299 5.46 -7.92 -25.32
N CYS B 300 5.06 -6.68 -25.15
CA CYS B 300 4.10 -5.99 -26.08
C CYS B 300 4.67 -5.92 -27.51
N HIS B 301 5.89 -5.51 -27.60
CA HIS B 301 6.58 -5.51 -28.90
C HIS B 301 6.71 -6.91 -29.55
N ARG B 302 7.04 -7.92 -28.77
CA ARG B 302 7.18 -9.27 -29.20
C ARG B 302 5.91 -9.90 -29.72
N ILE B 303 4.76 -9.49 -29.24
CA ILE B 303 3.54 -10.08 -29.69
C ILE B 303 2.78 -9.10 -30.60
N GLY B 304 3.17 -7.83 -30.70
CA GLY B 304 2.39 -6.92 -31.55
C GLY B 304 1.35 -6.05 -30.87
N LEU B 305 1.49 -5.75 -29.60
CA LEU B 305 0.64 -4.74 -28.93
C LEU B 305 1.22 -3.33 -29.01
N PRO B 306 0.39 -2.30 -28.99
CA PRO B 306 0.95 -0.96 -29.15
C PRO B 306 1.70 -0.43 -27.90
N ILE B 307 2.82 0.18 -28.13
CA ILE B 307 3.68 0.80 -27.08
C ILE B 307 3.91 2.28 -27.30
N THR B 308 3.24 2.86 -28.34
CA THR B 308 3.29 4.32 -28.51
C THR B 308 1.96 4.88 -28.98
N LEU B 309 1.80 6.17 -28.80
CA LEU B 309 0.61 6.85 -29.19
C LEU B 309 0.49 6.76 -30.75
N ALA B 310 1.59 6.85 -31.45
CA ALA B 310 1.49 6.71 -32.94
C ALA B 310 0.95 5.33 -33.34
N GLU B 311 1.37 4.27 -32.66
CA GLU B 311 0.83 2.95 -32.97
C GLU B 311 -0.61 2.90 -32.61
N MET B 312 -1.07 3.80 -31.77
CA MET B 312 -2.47 3.85 -31.54
C MET B 312 -3.28 4.77 -32.46
N GLY B 313 -2.60 5.43 -33.37
CA GLY B 313 -3.24 6.27 -34.41
C GLY B 313 -3.31 7.68 -33.94
N VAL B 314 -2.59 8.02 -32.85
CA VAL B 314 -2.62 9.38 -32.32
C VAL B 314 -1.32 10.04 -32.69
N SER B 315 -1.37 10.98 -33.63
CA SER B 315 -0.15 11.63 -34.17
C SER B 315 -0.12 13.10 -33.94
N GLY B 316 1.04 13.70 -34.13
CA GLY B 316 1.14 15.16 -33.98
C GLY B 316 1.19 15.55 -32.52
N ASP B 317 0.84 16.79 -32.23
CA ASP B 317 0.86 17.28 -30.87
C ASP B 317 -0.43 16.71 -30.21
N ALA B 318 -0.23 15.77 -29.28
CA ALA B 318 -1.31 14.97 -28.72
C ALA B 318 -1.70 15.52 -27.35
N VAL B 319 -1.10 16.62 -26.98
CA VAL B 319 -1.13 17.07 -25.59
C VAL B 319 -2.56 17.34 -25.13
N GLU B 320 -3.34 18.08 -25.92
CA GLU B 320 -4.71 18.37 -25.51
C GLU B 320 -5.62 17.16 -25.68
N LYS B 321 -5.40 16.36 -26.72
CA LYS B 321 -6.12 15.11 -26.81
C LYS B 321 -5.93 14.17 -25.54
N ILE B 322 -4.70 14.06 -25.11
CA ILE B 322 -4.39 13.21 -23.96
C ILE B 322 -4.94 13.89 -22.69
N MET B 323 -4.99 15.23 -22.64
CA MET B 323 -5.70 15.87 -21.54
C MET B 323 -7.15 15.42 -21.49
N ALA B 324 -7.86 15.38 -22.63
CA ALA B 324 -9.22 14.89 -22.63
C ALA B 324 -9.36 13.41 -22.21
N VAL B 325 -8.46 12.56 -22.68
CA VAL B 325 -8.38 11.15 -22.24
C VAL B 325 -8.22 11.06 -20.69
N ALA B 326 -7.41 11.93 -20.14
CA ALA B 326 -7.10 11.91 -18.68
C ALA B 326 -8.26 12.40 -17.85
N GLN B 327 -8.92 13.51 -18.29
CA GLN B 327 -10.17 13.97 -17.65
C GLN B 327 -11.19 12.87 -17.62
N ALA B 328 -11.42 12.20 -18.74
CA ALA B 328 -12.37 11.10 -18.80
C ALA B 328 -11.96 9.87 -17.97
N SER B 329 -10.67 9.56 -17.89
CA SER B 329 -10.26 8.38 -17.12
C SER B 329 -10.42 8.65 -15.61
N CYS B 330 -10.49 9.93 -15.21
CA CYS B 330 -10.67 10.31 -13.84
C CYS B 330 -12.09 10.69 -13.38
N ALA B 331 -13.10 10.50 -14.22
CA ALA B 331 -14.46 10.78 -13.88
C ALA B 331 -14.77 10.15 -12.54
N ALA B 332 -15.73 10.74 -11.84
CA ALA B 332 -16.20 10.14 -10.60
C ALA B 332 -16.77 8.77 -10.96
N GLY B 333 -16.53 7.77 -10.14
CA GLY B 333 -17.00 6.43 -10.49
C GLY B 333 -15.94 5.59 -11.15
N GLU B 334 -14.95 6.21 -11.83
CA GLU B 334 -14.00 5.40 -12.58
C GLU B 334 -13.10 4.57 -11.67
N THR B 335 -12.58 3.50 -12.23
CA THR B 335 -11.76 2.57 -11.46
C THR B 335 -10.38 3.03 -11.15
N ILE B 336 -10.01 4.17 -11.70
CA ILE B 336 -8.68 4.64 -11.51
C ILE B 336 -8.49 5.09 -10.04
N HIS B 337 -9.58 5.39 -9.35
CA HIS B 337 -9.51 5.81 -8.00
C HIS B 337 -9.31 4.62 -7.03
N ASN B 338 -9.25 3.40 -7.55
CA ASN B 338 -8.84 2.24 -6.78
C ASN B 338 -7.32 2.09 -6.65
N MET B 339 -6.53 2.93 -7.32
CA MET B 339 -5.13 2.99 -7.11
C MET B 339 -4.89 3.34 -5.59
N PRO B 340 -3.79 2.85 -5.02
CA PRO B 340 -3.40 3.14 -3.62
C PRO B 340 -2.74 4.50 -3.41
N PHE B 341 -3.10 5.46 -4.21
CA PHE B 341 -2.65 6.81 -4.08
C PHE B 341 -3.63 7.67 -4.83
N LYS B 342 -3.68 8.93 -4.52
CA LYS B 342 -4.60 9.84 -5.19
C LYS B 342 -4.14 10.10 -6.63
N VAL B 343 -5.11 10.19 -7.51
CA VAL B 343 -4.83 10.35 -8.93
C VAL B 343 -5.64 11.55 -9.42
N THR B 344 -5.04 12.40 -10.24
CA THR B 344 -5.72 13.55 -10.82
C THR B 344 -5.47 13.51 -12.37
N PRO B 345 -6.26 14.28 -13.13
CA PRO B 345 -6.06 14.30 -14.59
C PRO B 345 -4.65 14.67 -14.98
N ALA B 346 -4.05 15.63 -14.33
CA ALA B 346 -2.70 16.03 -14.67
C ALA B 346 -1.71 14.84 -14.57
N GLY B 347 -1.86 14.03 -13.52
CA GLY B 347 -0.97 12.85 -13.32
C GLY B 347 -1.20 11.79 -14.36
N VAL B 348 -2.44 11.64 -14.81
CA VAL B 348 -2.72 10.67 -15.83
C VAL B 348 -2.16 11.14 -17.16
N GLN B 349 -2.35 12.40 -17.47
CA GLN B 349 -1.82 12.90 -18.73
C GLN B 349 -0.30 12.73 -18.76
N ALA B 350 0.35 13.02 -17.64
CA ALA B 350 1.78 12.84 -17.51
C ALA B 350 2.21 11.39 -17.68
N ALA B 351 1.47 10.47 -17.08
CA ALA B 351 1.81 9.02 -17.21
C ALA B 351 1.69 8.60 -18.71
N ILE B 352 0.62 9.01 -19.36
CA ILE B 352 0.39 8.62 -20.79
C ILE B 352 1.44 9.17 -21.71
N LEU B 353 1.68 10.46 -21.62
CA LEU B 353 2.72 11.11 -22.44
C LEU B 353 4.10 10.56 -22.20
N THR B 354 4.38 10.19 -20.93
CA THR B 354 5.66 9.64 -20.66
C THR B 354 5.77 8.23 -21.14
N ALA B 355 4.71 7.44 -21.02
CA ALA B 355 4.74 6.10 -21.51
C ALA B 355 5.02 6.05 -23.03
N ASP B 356 4.44 7.03 -23.69
CA ASP B 356 4.69 7.17 -25.15
C ASP B 356 6.17 7.40 -25.43
N ARG B 357 6.82 8.29 -24.66
CA ARG B 357 8.23 8.49 -24.81
C ARG B 357 9.08 7.31 -24.50
N LEU B 358 8.67 6.53 -23.51
CA LEU B 358 9.39 5.34 -23.13
C LEU B 358 9.26 4.26 -24.23
N GLY B 359 8.06 4.11 -24.77
CA GLY B 359 7.81 3.16 -25.88
C GLY B 359 8.55 3.58 -27.16
N SER B 360 8.57 4.87 -27.44
CA SER B 360 9.30 5.34 -28.62
C SER B 360 10.82 5.18 -28.49
N ALA B 361 11.40 5.40 -27.30
CA ALA B 361 12.81 5.17 -27.05
C ALA B 361 13.13 3.69 -27.14
N TRP B 362 12.21 2.83 -26.68
CA TRP B 362 12.43 1.41 -26.79
C TRP B 362 12.49 1.01 -28.28
N LEU B 363 11.56 1.51 -29.07
CA LEU B 363 11.55 1.19 -30.51
C LEU B 363 12.87 1.59 -31.13
N GLN B 364 13.36 2.77 -30.82
CA GLN B 364 14.70 3.17 -31.32
C GLN B 364 15.80 2.20 -31.04
N GLN B 365 15.82 1.56 -29.87
CA GLN B 365 16.88 0.66 -29.47
C GLN B 365 16.67 -0.69 -30.17
N HIS B 366 15.50 -0.93 -30.79
CA HIS B 366 15.23 -2.27 -31.33
C HIS B 366 15.00 -2.24 -32.85
ZN ZN C . 8.26 7.11 20.81
ZN ZN D . 19.96 35.61 31.43
C1 GOL E . 8.07 9.15 18.82
O1 GOL E . 9.24 8.48 19.34
C2 GOL E . 7.61 10.41 19.59
O2 GOL E . 8.59 11.04 20.45
C3 GOL E . 6.40 10.08 20.39
O3 GOL E . 6.78 8.99 21.21
C1 GOL F . 28.31 3.01 6.47
O1 GOL F . 27.83 2.09 7.40
C2 GOL F . 29.81 3.11 6.41
O2 GOL F . 30.57 2.52 7.49
C3 GOL F . 30.26 2.59 5.06
O3 GOL F . 31.58 3.10 4.85
NA NA G . 9.95 6.03 16.79
ZN ZN H . -10.62 -5.46 -20.49
C1 GOL I . -13.88 -4.82 -19.18
O1 GOL I . -12.78 -4.92 -20.06
C2 GOL I . -13.86 -6.17 -18.55
O2 GOL I . -14.25 -7.13 -19.58
C3 GOL I . -12.43 -6.35 -18.07
O3 GOL I . -11.53 -6.80 -19.10
C1 GOL J . 2.34 -25.72 -13.98
O1 GOL J . 2.87 -24.74 -14.86
C2 GOL J . 2.66 -27.17 -14.39
O2 GOL J . 3.03 -27.41 -15.77
C3 GOL J . 3.72 -27.78 -13.47
O3 GOL J . 3.36 -29.15 -13.29
ZN ZN K . -37.08 -22.99 -27.64
NA NA L . -8.10 -7.59 -17.49
#